data_8QJ6
# 
_entry.id   8QJ6 
# 
_audit_conform.dict_name       mmcif_pdbx.dic 
_audit_conform.dict_version    5.398 
_audit_conform.dict_location   http://mmcif.pdb.org/dictionaries/ascii/mmcif_pdbx.dic 
# 
loop_
_database_2.database_id 
_database_2.database_code 
_database_2.pdbx_database_accession 
_database_2.pdbx_DOI 
PDB   8QJ6         pdb_00008qj6 10.2210/pdb8qj6/pdb 
WWPDB D_1292133351 ?            ?                   
# 
_pdbx_audit_revision_history.ordinal             1 
_pdbx_audit_revision_history.data_content_type   'Structure model' 
_pdbx_audit_revision_history.major_revision      1 
_pdbx_audit_revision_history.minor_revision      0 
_pdbx_audit_revision_history.revision_date       2024-11-06 
# 
_pdbx_audit_revision_details.ordinal             1 
_pdbx_audit_revision_details.revision_ordinal    1 
_pdbx_audit_revision_details.data_content_type   'Structure model' 
_pdbx_audit_revision_details.provider            repository 
_pdbx_audit_revision_details.type                'Initial release' 
_pdbx_audit_revision_details.description         ? 
_pdbx_audit_revision_details.details             ? 
# 
_pdbx_database_status.status_code                     REL 
_pdbx_database_status.status_code_sf                  REL 
_pdbx_database_status.status_code_mr                  ? 
_pdbx_database_status.entry_id                        8QJ6 
_pdbx_database_status.recvd_initial_deposition_date   2023-09-12 
_pdbx_database_status.SG_entry                        N 
_pdbx_database_status.deposit_site                    PDBE 
_pdbx_database_status.process_site                    PDBE 
_pdbx_database_status.status_code_cs                  ? 
_pdbx_database_status.status_code_nmr_data            ? 
_pdbx_database_status.methods_development_category    ? 
_pdbx_database_status.pdb_format_compatible           Y 
# 
_pdbx_contact_author.id                 3 
_pdbx_contact_author.email              Tom.Clarke@uea.ac.uk 
_pdbx_contact_author.name_first         Thomas 
_pdbx_contact_author.name_last          Clarke 
_pdbx_contact_author.name_mi            A. 
_pdbx_contact_author.role               'principal investigator/group leader' 
_pdbx_contact_author.identifier_ORCID   0000-0002-6234-1914 
# 
loop_
_audit_author.name 
_audit_author.pdbx_ordinal 
_audit_author.identifier_ORCID 
'Nash, B.W.'    1 0009-0002-6771-3921 
'Edwards, M.J.' 2 0000-0002-0243-3788 
'Clarke, T.A.'  3 0000-0002-6234-1914 
# 
_citation.abstract                  ? 
_citation.abstract_id_CAS           ? 
_citation.book_id_ISBN              ? 
_citation.book_publisher            ? 
_citation.book_publisher_city       ? 
_citation.book_title                ? 
_citation.coordinate_linkage        ? 
_citation.country                   US 
_citation.database_id_Medline       ? 
_citation.details                   ? 
_citation.id                        primary 
_citation.journal_abbrev            'Protein Sci.' 
_citation.journal_id_ASTM           PRCIEI 
_citation.journal_id_CSD            0795 
_citation.journal_id_ISSN           1469-896X 
_citation.journal_full              ? 
_citation.journal_issue             ? 
_citation.journal_volume            33 
_citation.language                  ? 
_citation.page_first                e5200 
_citation.page_last                 e5200 
_citation.title                     
'Tethered heme domains in a triheme cytochrome allow for increased electron transport distances.' 
_citation.year                      2024 
_citation.database_id_CSD           ? 
_citation.pdbx_database_id_DOI      10.1002/pro.5200 
_citation.pdbx_database_id_PubMed   39470321 
_citation.pdbx_database_id_patent   ? 
_citation.unpublished_flag          ? 
# 
loop_
_citation_author.citation_id 
_citation_author.name 
_citation_author.ordinal 
_citation_author.identifier_ORCID 
primary 'Nash, B.W.'         1  ?                   
primary 'Fernandes, T.M.'    2  ?                   
primary 'Burton, J.A.J.'     3  ?                   
primary 'Morgado, L.'        4  ?                   
primary 'van Wonderen, J.H.' 5  ?                   
primary 'Svistunenko, D.A.'  6  ?                   
primary 'Edwards, M.J.'      7  ?                   
primary 'Salgueiro, C.A.'    8  ?                   
primary 'Butt, J.N.'         9  ?                   
primary 'Clarke, T.A.'       10 0000-0002-6234-1914 
# 
loop_
_entity.id 
_entity.type 
_entity.src_method 
_entity.pdbx_description 
_entity.formula_weight 
_entity.pdbx_number_of_molecules 
_entity.pdbx_ec 
_entity.pdbx_mutation 
_entity.pdbx_fragment 
_entity.details 
1 polymer     man 'Lipoprotein cytochrome c' 9742.112 1  ? ? ? ? 
2 non-polymer syn 'SODIUM ION'               22.990   1  ? ? ? ? 
3 non-polymer syn 'HEME C'                   618.503  1  ? ? ? ? 
4 water       nat water                      18.015   69 ? ? ? ? 
# 
_entity_poly.entity_id                      1 
_entity_poly.type                           'polypeptide(L)' 
_entity_poly.nstd_linkage                   no 
_entity_poly.nstd_monomer                   no 
_entity_poly.pdbx_seq_one_letter_code       
;MKFKLNLITLALLANTGLAVAADGDGQGLYAANCAACHGALATSEKKGTTLARLQSAVSANAGGMGFLSSLTSAQLQAIV
DVLAVAGSGWSHPQFEK
;
_entity_poly.pdbx_seq_one_letter_code_can   
;MKFKLNLITLALLANTGLAVAADGDGQGLYAANCAACHGALATSEKKGTTLARLQSAVSANAGGMGFLSSLTSAQLQAIV
DVLAVAGSGWSHPQFEK
;
_entity_poly.pdbx_strand_id                 A 
_entity_poly.pdbx_target_identifier         ? 
# 
loop_
_pdbx_entity_nonpoly.entity_id 
_pdbx_entity_nonpoly.name 
_pdbx_entity_nonpoly.comp_id 
2 'SODIUM ION' NA  
3 'HEME C'     HEC 
4 water        HOH 
# 
loop_
_entity_poly_seq.entity_id 
_entity_poly_seq.num 
_entity_poly_seq.mon_id 
_entity_poly_seq.hetero 
1 1  MET n 
1 2  LYS n 
1 3  PHE n 
1 4  LYS n 
1 5  LEU n 
1 6  ASN n 
1 7  LEU n 
1 8  ILE n 
1 9  THR n 
1 10 LEU n 
1 11 ALA n 
1 12 LEU n 
1 13 LEU n 
1 14 ALA n 
1 15 ASN n 
1 16 THR n 
1 17 GLY n 
1 18 LEU n 
1 19 ALA n 
1 20 VAL n 
1 21 ALA n 
1 22 ALA n 
1 23 ASP n 
1 24 GLY n 
1 25 ASP n 
1 26 GLY n 
1 27 GLN n 
1 28 GLY n 
1 29 LEU n 
1 30 TYR n 
1 31 ALA n 
1 32 ALA n 
1 33 ASN n 
1 34 CYS n 
1 35 ALA n 
1 36 ALA n 
1 37 CYS n 
1 38 HIS n 
1 39 GLY n 
1 40 ALA n 
1 41 LEU n 
1 42 ALA n 
1 43 THR n 
1 44 SER n 
1 45 GLU n 
1 46 LYS n 
1 47 LYS n 
1 48 GLY n 
1 49 THR n 
1 50 THR n 
1 51 LEU n 
1 52 ALA n 
1 53 ARG n 
1 54 LEU n 
1 55 GLN n 
1 56 SER n 
1 57 ALA n 
1 58 VAL n 
1 59 SER n 
1 60 ALA n 
1 61 ASN n 
1 62 ALA n 
1 63 GLY n 
1 64 GLY n 
1 65 MET n 
1 66 GLY n 
1 67 PHE n 
1 68 LEU n 
1 69 SER n 
1 70 SER n 
1 71 LEU n 
1 72 THR n 
1 73 SER n 
1 74 ALA n 
1 75 GLN n 
1 76 LEU n 
1 77 GLN n 
1 78 ALA n 
1 79 ILE n 
1 80 VAL n 
1 81 ASP n 
1 82 VAL n 
1 83 LEU n 
1 84 ALA n 
1 85 VAL n 
1 86 ALA n 
1 87 GLY n 
1 88 SER n 
1 89 GLY n 
1 90 TRP n 
1 91 SER n 
1 92 HIS n 
1 93 PRO n 
1 94 GLN n 
1 95 PHE n 
1 96 GLU n 
1 97 LYS n 
# 
_entity_src_gen.entity_id                          1 
_entity_src_gen.pdbx_src_id                        1 
_entity_src_gen.pdbx_alt_source_flag               sample 
_entity_src_gen.pdbx_seq_type                      'Biological sequence' 
_entity_src_gen.pdbx_beg_seq_num                   1 
_entity_src_gen.pdbx_end_seq_num                   97 
_entity_src_gen.gene_src_common_name               ? 
_entity_src_gen.gene_src_genus                     ? 
_entity_src_gen.pdbx_gene_src_gene                 'pgcA, GSU1761' 
_entity_src_gen.gene_src_species                   ? 
_entity_src_gen.gene_src_strain                    PCA 
_entity_src_gen.gene_src_tissue                    ? 
_entity_src_gen.gene_src_tissue_fraction           ? 
_entity_src_gen.gene_src_details                   ? 
_entity_src_gen.pdbx_gene_src_fragment             ? 
_entity_src_gen.pdbx_gene_src_scientific_name      'Geobacter sulfurreducens PCA' 
_entity_src_gen.pdbx_gene_src_ncbi_taxonomy_id     243231 
_entity_src_gen.pdbx_gene_src_variant              ? 
_entity_src_gen.pdbx_gene_src_cell_line            ? 
_entity_src_gen.pdbx_gene_src_atcc                 51573 
_entity_src_gen.pdbx_gene_src_organ                ? 
_entity_src_gen.pdbx_gene_src_organelle            ? 
_entity_src_gen.pdbx_gene_src_cell                 ? 
_entity_src_gen.pdbx_gene_src_cellular_location    ? 
_entity_src_gen.host_org_common_name               ? 
_entity_src_gen.pdbx_host_org_scientific_name      'Shewanella oneidensis MR-1' 
_entity_src_gen.pdbx_host_org_ncbi_taxonomy_id     211586 
_entity_src_gen.host_org_genus                     ? 
_entity_src_gen.pdbx_host_org_gene                 ? 
_entity_src_gen.pdbx_host_org_organ                ? 
_entity_src_gen.host_org_species                   ? 
_entity_src_gen.pdbx_host_org_tissue               ? 
_entity_src_gen.pdbx_host_org_tissue_fraction      ? 
_entity_src_gen.pdbx_host_org_strain               LS527 
_entity_src_gen.pdbx_host_org_variant              ? 
_entity_src_gen.pdbx_host_org_cell_line            ? 
_entity_src_gen.pdbx_host_org_atcc                 700550 
_entity_src_gen.pdbx_host_org_culture_collection   ? 
_entity_src_gen.pdbx_host_org_cell                 ? 
_entity_src_gen.pdbx_host_org_organelle            ? 
_entity_src_gen.pdbx_host_org_cellular_location    ? 
_entity_src_gen.pdbx_host_org_vector_type          ? 
_entity_src_gen.pdbx_host_org_vector               ? 
_entity_src_gen.host_org_details                   ? 
_entity_src_gen.expression_system_id               ? 
_entity_src_gen.plasmid_name                       ? 
_entity_src_gen.plasmid_details                    ? 
_entity_src_gen.pdbx_description                   ? 
# 
loop_
_chem_comp.id 
_chem_comp.type 
_chem_comp.mon_nstd_flag 
_chem_comp.name 
_chem_comp.pdbx_synonyms 
_chem_comp.formula 
_chem_comp.formula_weight 
ALA 'L-peptide linking' y ALANINE         ? 'C3 H7 N O2'       89.093  
ARG 'L-peptide linking' y ARGININE        ? 'C6 H15 N4 O2 1'   175.209 
ASN 'L-peptide linking' y ASPARAGINE      ? 'C4 H8 N2 O3'      132.118 
ASP 'L-peptide linking' y 'ASPARTIC ACID' ? 'C4 H7 N O4'       133.103 
CYS 'L-peptide linking' y CYSTEINE        ? 'C3 H7 N O2 S'     121.158 
GLN 'L-peptide linking' y GLUTAMINE       ? 'C5 H10 N2 O3'     146.144 
GLU 'L-peptide linking' y 'GLUTAMIC ACID' ? 'C5 H9 N O4'       147.129 
GLY 'peptide linking'   y GLYCINE         ? 'C2 H5 N O2'       75.067  
HEC non-polymer         . 'HEME C'        ? 'C34 H34 Fe N4 O4' 618.503 
HIS 'L-peptide linking' y HISTIDINE       ? 'C6 H10 N3 O2 1'   156.162 
HOH non-polymer         . WATER           ? 'H2 O'             18.015  
ILE 'L-peptide linking' y ISOLEUCINE      ? 'C6 H13 N O2'      131.173 
LEU 'L-peptide linking' y LEUCINE         ? 'C6 H13 N O2'      131.173 
LYS 'L-peptide linking' y LYSINE          ? 'C6 H15 N2 O2 1'   147.195 
MET 'L-peptide linking' y METHIONINE      ? 'C5 H11 N O2 S'    149.211 
NA  non-polymer         . 'SODIUM ION'    ? 'Na 1'             22.990  
PHE 'L-peptide linking' y PHENYLALANINE   ? 'C9 H11 N O2'      165.189 
PRO 'L-peptide linking' y PROLINE         ? 'C5 H9 N O2'       115.130 
SER 'L-peptide linking' y SERINE          ? 'C3 H7 N O3'       105.093 
THR 'L-peptide linking' y THREONINE       ? 'C4 H9 N O3'       119.119 
TRP 'L-peptide linking' y TRYPTOPHAN      ? 'C11 H12 N2 O2'    204.225 
TYR 'L-peptide linking' y TYROSINE        ? 'C9 H11 N O3'      181.189 
VAL 'L-peptide linking' y VALINE          ? 'C5 H11 N O2'      117.146 
# 
loop_
_pdbx_poly_seq_scheme.asym_id 
_pdbx_poly_seq_scheme.entity_id 
_pdbx_poly_seq_scheme.seq_id 
_pdbx_poly_seq_scheme.mon_id 
_pdbx_poly_seq_scheme.ndb_seq_num 
_pdbx_poly_seq_scheme.pdb_seq_num 
_pdbx_poly_seq_scheme.auth_seq_num 
_pdbx_poly_seq_scheme.pdb_mon_id 
_pdbx_poly_seq_scheme.auth_mon_id 
_pdbx_poly_seq_scheme.pdb_strand_id 
_pdbx_poly_seq_scheme.pdb_ins_code 
_pdbx_poly_seq_scheme.hetero 
A 1 1  MET 1  -20 ?  ?   ?   A . n 
A 1 2  LYS 2  -19 ?  ?   ?   A . n 
A 1 3  PHE 3  -18 ?  ?   ?   A . n 
A 1 4  LYS 4  -17 ?  ?   ?   A . n 
A 1 5  LEU 5  -16 ?  ?   ?   A . n 
A 1 6  ASN 6  -15 ?  ?   ?   A . n 
A 1 7  LEU 7  -14 ?  ?   ?   A . n 
A 1 8  ILE 8  -13 ?  ?   ?   A . n 
A 1 9  THR 9  -12 ?  ?   ?   A . n 
A 1 10 LEU 10 -11 ?  ?   ?   A . n 
A 1 11 ALA 11 -10 ?  ?   ?   A . n 
A 1 12 LEU 12 -9  ?  ?   ?   A . n 
A 1 13 LEU 13 -8  ?  ?   ?   A . n 
A 1 14 ALA 14 -7  ?  ?   ?   A . n 
A 1 15 ASN 15 -6  ?  ?   ?   A . n 
A 1 16 THR 16 -5  ?  ?   ?   A . n 
A 1 17 GLY 17 -4  ?  ?   ?   A . n 
A 1 18 LEU 18 -3  ?  ?   ?   A . n 
A 1 19 ALA 19 -2  ?  ?   ?   A . n 
A 1 20 VAL 20 -1  ?  ?   ?   A . n 
A 1 21 ALA 21 0   ?  ?   ?   A . n 
A 1 22 ALA 22 1   1  ALA ALA A . n 
A 1 23 ASP 23 2   2  ASP ASP A . n 
A 1 24 GLY 24 3   3  GLY GLY A . n 
A 1 25 ASP 25 4   4  ASP ASP A . n 
A 1 26 GLY 26 5   5  GLY GLY A . n 
A 1 27 GLN 27 6   6  GLN GLN A . n 
A 1 28 GLY 28 7   7  GLY GLY A . n 
A 1 29 LEU 29 8   8  LEU LEU A . n 
A 1 30 TYR 30 9   9  TYR TYR A . n 
A 1 31 ALA 31 10  10 ALA ALA A . n 
A 1 32 ALA 32 11  11 ALA ALA A . n 
A 1 33 ASN 33 12  12 ASN ASN A . n 
A 1 34 CYS 34 13  13 CYS CYS A . n 
A 1 35 ALA 35 14  14 ALA ALA A . n 
A 1 36 ALA 36 15  15 ALA ALA A . n 
A 1 37 CYS 37 16  16 CYS CYS A . n 
A 1 38 HIS 38 17  17 HIS HIS A . n 
A 1 39 GLY 39 18  18 GLY GLY A . n 
A 1 40 ALA 40 19  19 ALA ALA A . n 
A 1 41 LEU 41 20  20 LEU LEU A . n 
A 1 42 ALA 42 21  21 ALA ALA A . n 
A 1 43 THR 43 22  22 THR THR A . n 
A 1 44 SER 44 23  23 SER SER A . n 
A 1 45 GLU 45 24  24 GLU GLU A . n 
A 1 46 LYS 46 25  25 LYS LYS A . n 
A 1 47 LYS 47 26  26 LYS LYS A . n 
A 1 48 GLY 48 27  27 GLY GLY A . n 
A 1 49 THR 49 28  28 THR THR A . n 
A 1 50 THR 50 29  29 THR THR A . n 
A 1 51 LEU 51 30  30 LEU LEU A . n 
A 1 52 ALA 52 31  31 ALA ALA A . n 
A 1 53 ARG 53 32  32 ARG ARG A . n 
A 1 54 LEU 54 33  33 LEU LEU A . n 
A 1 55 GLN 55 34  34 GLN GLN A . n 
A 1 56 SER 56 35  35 SER SER A . n 
A 1 57 ALA 57 36  36 ALA ALA A . n 
A 1 58 VAL 58 37  37 VAL VAL A . n 
A 1 59 SER 59 38  38 SER SER A . n 
A 1 60 ALA 60 39  39 ALA ALA A . n 
A 1 61 ASN 61 40  40 ASN ASN A . n 
A 1 62 ALA 62 41  41 ALA ALA A . n 
A 1 63 GLY 63 42  42 GLY GLY A . n 
A 1 64 GLY 64 43  43 GLY GLY A . n 
A 1 65 MET 65 44  44 MET MET A . n 
A 1 66 GLY 66 45  45 GLY GLY A . n 
A 1 67 PHE 67 46  46 PHE PHE A . n 
A 1 68 LEU 68 47  47 LEU LEU A . n 
A 1 69 SER 69 48  48 SER SER A . n 
A 1 70 SER 70 49  49 SER SER A . n 
A 1 71 LEU 71 50  50 LEU LEU A . n 
A 1 72 THR 72 51  51 THR THR A . n 
A 1 73 SER 73 52  52 SER SER A . n 
A 1 74 ALA 74 53  53 ALA ALA A . n 
A 1 75 GLN 75 54  54 GLN GLN A . n 
A 1 76 LEU 76 55  55 LEU LEU A . n 
A 1 77 GLN 77 56  56 GLN GLN A . n 
A 1 78 ALA 78 57  57 ALA ALA A . n 
A 1 79 ILE 79 58  58 ILE ILE A . n 
A 1 80 VAL 80 59  59 VAL VAL A . n 
A 1 81 ASP 81 60  60 ASP ASP A . n 
A 1 82 VAL 82 61  61 VAL VAL A . n 
A 1 83 LEU 83 62  62 LEU LEU A . n 
A 1 84 ALA 84 63  63 ALA ALA A . n 
A 1 85 VAL 85 64  64 VAL VAL A . n 
A 1 86 ALA 86 65  ?  ?   ?   A . n 
A 1 87 GLY 87 66  ?  ?   ?   A . n 
A 1 88 SER 88 67  ?  ?   ?   A . n 
A 1 89 GLY 89 68  ?  ?   ?   A . n 
A 1 90 TRP 90 69  ?  ?   ?   A . n 
A 1 91 SER 91 70  ?  ?   ?   A . n 
A 1 92 HIS 92 71  ?  ?   ?   A . n 
A 1 93 PRO 93 72  ?  ?   ?   A . n 
A 1 94 GLN 94 73  ?  ?   ?   A . n 
A 1 95 PHE 95 74  ?  ?   ?   A . n 
A 1 96 GLU 96 75  ?  ?   ?   A . n 
A 1 97 LYS 97 76  ?  ?   ?   A . n 
# 
_pdbx_entity_instance_feature.ordinal        1 
_pdbx_entity_instance_feature.comp_id        HEC 
_pdbx_entity_instance_feature.asym_id        ? 
_pdbx_entity_instance_feature.seq_num        ? 
_pdbx_entity_instance_feature.auth_comp_id   HEC 
_pdbx_entity_instance_feature.auth_asym_id   ? 
_pdbx_entity_instance_feature.auth_seq_num   ? 
_pdbx_entity_instance_feature.feature_type   'SUBJECT OF INVESTIGATION' 
_pdbx_entity_instance_feature.details        ? 
# 
loop_
_pdbx_nonpoly_scheme.asym_id 
_pdbx_nonpoly_scheme.entity_id 
_pdbx_nonpoly_scheme.mon_id 
_pdbx_nonpoly_scheme.ndb_seq_num 
_pdbx_nonpoly_scheme.pdb_seq_num 
_pdbx_nonpoly_scheme.auth_seq_num 
_pdbx_nonpoly_scheme.pdb_mon_id 
_pdbx_nonpoly_scheme.auth_mon_id 
_pdbx_nonpoly_scheme.pdb_strand_id 
_pdbx_nonpoly_scheme.pdb_ins_code 
B 2 NA  1  101 1  NA  NA  A . 
C 3 HEC 1  102 1  HEC HEC A . 
D 4 HOH 1  201 31 HOH HOH A . 
D 4 HOH 2  202 52 HOH HOH A . 
D 4 HOH 3  203 18 HOH HOH A . 
D 4 HOH 4  204 20 HOH HOH A . 
D 4 HOH 5  205 7  HOH HOH A . 
D 4 HOH 6  206 50 HOH HOH A . 
D 4 HOH 7  207 6  HOH HOH A . 
D 4 HOH 8  208 13 HOH HOH A . 
D 4 HOH 9  209 5  HOH HOH A . 
D 4 HOH 10 210 3  HOH HOH A . 
D 4 HOH 11 211 9  HOH HOH A . 
D 4 HOH 12 212 29 HOH HOH A . 
D 4 HOH 13 213 4  HOH HOH A . 
D 4 HOH 14 214 22 HOH HOH A . 
D 4 HOH 15 215 16 HOH HOH A . 
D 4 HOH 16 216 1  HOH HOH A . 
D 4 HOH 17 217 35 HOH HOH A . 
D 4 HOH 18 218 11 HOH HOH A . 
D 4 HOH 19 219 55 HOH HOH A . 
D 4 HOH 20 220 39 HOH HOH A . 
D 4 HOH 21 221 32 HOH HOH A . 
D 4 HOH 22 222 21 HOH HOH A . 
D 4 HOH 23 223 38 HOH HOH A . 
D 4 HOH 24 224 12 HOH HOH A . 
D 4 HOH 25 225 25 HOH HOH A . 
D 4 HOH 26 226 14 HOH HOH A . 
D 4 HOH 27 227 48 HOH HOH A . 
D 4 HOH 28 228 23 HOH HOH A . 
D 4 HOH 29 229 24 HOH HOH A . 
D 4 HOH 30 230 17 HOH HOH A . 
D 4 HOH 31 231 27 HOH HOH A . 
D 4 HOH 32 232 57 HOH HOH A . 
D 4 HOH 33 233 8  HOH HOH A . 
D 4 HOH 34 234 36 HOH HOH A . 
D 4 HOH 35 235 2  HOH HOH A . 
D 4 HOH 36 236 26 HOH HOH A . 
D 4 HOH 37 237 30 HOH HOH A . 
D 4 HOH 38 238 10 HOH HOH A . 
D 4 HOH 39 239 42 HOH HOH A . 
D 4 HOH 40 240 54 HOH HOH A . 
D 4 HOH 41 241 53 HOH HOH A . 
D 4 HOH 42 242 64 HOH HOH A . 
D 4 HOH 43 243 65 HOH HOH A . 
D 4 HOH 44 244 56 HOH HOH A . 
D 4 HOH 45 245 63 HOH HOH A . 
D 4 HOH 46 246 61 HOH HOH A . 
D 4 HOH 47 247 69 HOH HOH A . 
D 4 HOH 48 248 60 HOH HOH A . 
D 4 HOH 49 249 34 HOH HOH A . 
D 4 HOH 50 250 51 HOH HOH A . 
D 4 HOH 51 251 46 HOH HOH A . 
D 4 HOH 52 252 28 HOH HOH A . 
D 4 HOH 53 253 47 HOH HOH A . 
D 4 HOH 54 254 59 HOH HOH A . 
D 4 HOH 55 255 43 HOH HOH A . 
D 4 HOH 56 256 62 HOH HOH A . 
D 4 HOH 57 257 68 HOH HOH A . 
D 4 HOH 58 258 44 HOH HOH A . 
D 4 HOH 59 259 37 HOH HOH A . 
D 4 HOH 60 260 66 HOH HOH A . 
D 4 HOH 61 261 49 HOH HOH A . 
D 4 HOH 62 262 33 HOH HOH A . 
D 4 HOH 63 263 19 HOH HOH A . 
D 4 HOH 64 264 58 HOH HOH A . 
D 4 HOH 65 265 15 HOH HOH A . 
D 4 HOH 66 266 40 HOH HOH A . 
D 4 HOH 67 267 67 HOH HOH A . 
D 4 HOH 68 268 45 HOH HOH A . 
D 4 HOH 69 269 41 HOH HOH A . 
# 
loop_
_software.citation_id 
_software.classification 
_software.compiler_name 
_software.compiler_version 
_software.contact_author 
_software.contact_author_email 
_software.date 
_software.description 
_software.dependencies 
_software.hardware 
_software.language 
_software.location 
_software.mods 
_software.name 
_software.os 
_software.os_version 
_software.type 
_software.version 
_software.pdbx_ordinal 
? refinement       ? ? ? ? ? ? ? ? ? ? ? PHENIX  ? ? ? '(1.20.1_4487: ???)' 1 
? 'data scaling'   ? ? ? ? ? ? ? ? ? ? ? Aimless ? ? ? .                    2 
? 'data reduction' ? ? ? ? ? ? ? ? ? ? ? xia2    ? ? ? .                    3 
? phasing          ? ? ? ? ? ? ? ? ? ? ? PHASER  ? ? ? .                    4 
# 
_cell.angle_alpha                  90.00 
_cell.angle_alpha_esd              ? 
_cell.angle_beta                   90.00 
_cell.angle_beta_esd               ? 
_cell.angle_gamma                  90.00 
_cell.angle_gamma_esd              ? 
_cell.entry_id                     8QJ6 
_cell.details                      ? 
_cell.formula_units_Z              ? 
_cell.length_a                     68.427 
_cell.length_a_esd                 ? 
_cell.length_b                     68.427 
_cell.length_b_esd                 ? 
_cell.length_c                     27.681 
_cell.length_c_esd                 ? 
_cell.volume                       ? 
_cell.volume_esd                   ? 
_cell.Z_PDB                        8 
_cell.reciprocal_angle_alpha       ? 
_cell.reciprocal_angle_beta        ? 
_cell.reciprocal_angle_gamma       ? 
_cell.reciprocal_angle_alpha_esd   ? 
_cell.reciprocal_angle_beta_esd    ? 
_cell.reciprocal_angle_gamma_esd   ? 
_cell.reciprocal_length_a          ? 
_cell.reciprocal_length_b          ? 
_cell.reciprocal_length_c          ? 
_cell.reciprocal_length_a_esd      ? 
_cell.reciprocal_length_b_esd      ? 
_cell.reciprocal_length_c_esd      ? 
_cell.pdbx_unique_axis             ? 
_cell.pdbx_esd_method              ? 
# 
_symmetry.entry_id                         8QJ6 
_symmetry.cell_setting                     ? 
_symmetry.Int_Tables_number                79 
_symmetry.space_group_name_Hall            ? 
_symmetry.space_group_name_H-M             'I 4' 
_symmetry.pdbx_full_space_group_name_H-M   ? 
# 
_exptl.absorpt_coefficient_mu     ? 
_exptl.absorpt_correction_T_max   ? 
_exptl.absorpt_correction_T_min   ? 
_exptl.absorpt_correction_type    ? 
_exptl.absorpt_process_details    ? 
_exptl.entry_id                   8QJ6 
_exptl.crystals_number            1 
_exptl.details                    ? 
_exptl.method                     'X-RAY DIFFRACTION' 
_exptl.method_details             ? 
# 
_exptl_crystal.colour                       ? 
_exptl_crystal.density_diffrn               ? 
_exptl_crystal.density_Matthews             1.66 
_exptl_crystal.density_method               ? 
_exptl_crystal.density_percent_sol          26.04 
_exptl_crystal.description                  Plates 
_exptl_crystal.F_000                        ? 
_exptl_crystal.id                           1 
_exptl_crystal.preparation                  ? 
_exptl_crystal.size_max                     ? 
_exptl_crystal.size_mid                     ? 
_exptl_crystal.size_min                     ? 
_exptl_crystal.size_rad                     ? 
_exptl_crystal.colour_lustre                ? 
_exptl_crystal.colour_modifier              ? 
_exptl_crystal.colour_primary               ? 
_exptl_crystal.density_meas                 ? 
_exptl_crystal.density_meas_esd             ? 
_exptl_crystal.density_meas_gt              ? 
_exptl_crystal.density_meas_lt              ? 
_exptl_crystal.density_meas_temp            ? 
_exptl_crystal.density_meas_temp_esd        ? 
_exptl_crystal.density_meas_temp_gt         ? 
_exptl_crystal.density_meas_temp_lt         ? 
_exptl_crystal.pdbx_crystal_image_url       ? 
_exptl_crystal.pdbx_crystal_image_format    ? 
_exptl_crystal.pdbx_mosaicity               ? 
_exptl_crystal.pdbx_mosaicity_esd           ? 
_exptl_crystal.pdbx_mosaic_method           ? 
_exptl_crystal.pdbx_mosaic_block_size       ? 
_exptl_crystal.pdbx_mosaic_block_size_esd   ? 
# 
_exptl_crystal_grow.apparatus       ? 
_exptl_crystal_grow.atmosphere      ? 
_exptl_crystal_grow.crystal_id      1 
_exptl_crystal_grow.details         ? 
_exptl_crystal_grow.method          'VAPOR DIFFUSION, SITTING DROP' 
_exptl_crystal_grow.method_ref      ? 
_exptl_crystal_grow.pH              7.0 
_exptl_crystal_grow.pressure        ? 
_exptl_crystal_grow.pressure_esd    ? 
_exptl_crystal_grow.seeding         ? 
_exptl_crystal_grow.seeding_ref     ? 
_exptl_crystal_grow.temp_details    ? 
_exptl_crystal_grow.temp_esd        ? 
_exptl_crystal_grow.time            ? 
_exptl_crystal_grow.pdbx_details    
'0.3 uL protein at 10 mg per mL in 20 mM HEPES pH 7.8 100 mM NaCl, 0.28 uL Na Malonate pH 7.0 and 0.02 uL 30% W/V PEG 2000 MME' 
_exptl_crystal_grow.pdbx_pH_range   ? 
_exptl_crystal_grow.temp            289 
# 
_diffrn.ambient_environment              ? 
_diffrn.ambient_temp                     100 
_diffrn.ambient_temp_details             ? 
_diffrn.ambient_temp_esd                 ? 
_diffrn.crystal_id                       1 
_diffrn.crystal_support                  ? 
_diffrn.crystal_treatment                ? 
_diffrn.details                          ? 
_diffrn.id                               1 
_diffrn.ambient_pressure                 ? 
_diffrn.ambient_pressure_esd             ? 
_diffrn.ambient_pressure_gt              ? 
_diffrn.ambient_pressure_lt              ? 
_diffrn.ambient_temp_gt                  ? 
_diffrn.ambient_temp_lt                  ? 
_diffrn.pdbx_serial_crystal_experiment   N 
# 
_diffrn_detector.details                      ? 
_diffrn_detector.detector                     PIXEL 
_diffrn_detector.diffrn_id                    1 
_diffrn_detector.type                         'DECTRIS EIGER2 XE 16M' 
_diffrn_detector.area_resol_mean              ? 
_diffrn_detector.dtime                        ? 
_diffrn_detector.pdbx_frames_total            ? 
_diffrn_detector.pdbx_collection_time_total   ? 
_diffrn_detector.pdbx_collection_date         2023-07-26 
_diffrn_detector.pdbx_frequency               ? 
_diffrn_detector.id                           ? 
_diffrn_detector.number_of_axes               ? 
# 
_diffrn_radiation.collimation                      ? 
_diffrn_radiation.diffrn_id                        1 
_diffrn_radiation.filter_edge                      ? 
_diffrn_radiation.inhomogeneity                    ? 
_diffrn_radiation.monochromator                    ? 
_diffrn_radiation.polarisn_norm                    ? 
_diffrn_radiation.polarisn_ratio                   ? 
_diffrn_radiation.probe                            ? 
_diffrn_radiation.type                             ? 
_diffrn_radiation.xray_symbol                      ? 
_diffrn_radiation.wavelength_id                    1 
_diffrn_radiation.pdbx_monochromatic_or_laue_m_l   M 
_diffrn_radiation.pdbx_wavelength_list             ? 
_diffrn_radiation.pdbx_wavelength                  ? 
_diffrn_radiation.pdbx_diffrn_protocol             'SINGLE WAVELENGTH' 
_diffrn_radiation.pdbx_analyzer                    ? 
_diffrn_radiation.pdbx_scattering_type             x-ray 
# 
_diffrn_radiation_wavelength.id           1 
_diffrn_radiation_wavelength.wavelength   0.9537 
_diffrn_radiation_wavelength.wt           1.0 
# 
_diffrn_source.current                     ? 
_diffrn_source.details                     ? 
_diffrn_source.diffrn_id                   1 
_diffrn_source.power                       ? 
_diffrn_source.size                        ? 
_diffrn_source.source                      SYNCHROTRON 
_diffrn_source.target                      ? 
_diffrn_source.type                        'DIAMOND BEAMLINE I04' 
_diffrn_source.voltage                     ? 
_diffrn_source.take-off_angle              ? 
_diffrn_source.pdbx_wavelength_list        0.9537 
_diffrn_source.pdbx_wavelength             ? 
_diffrn_source.pdbx_synchrotron_beamline   I04 
_diffrn_source.pdbx_synchrotron_site       Diamond 
# 
_reflns.B_iso_Wilson_estimate                          ? 
_reflns.entry_id                                       8QJ6 
_reflns.data_reduction_details                         ? 
_reflns.data_reduction_method                          ? 
_reflns.d_resolution_high                              1.55 
_reflns.d_resolution_low                               34.21 
_reflns.details                                        ? 
_reflns.limit_h_max                                    ? 
_reflns.limit_h_min                                    ? 
_reflns.limit_k_max                                    ? 
_reflns.limit_k_min                                    ? 
_reflns.limit_l_max                                    ? 
_reflns.limit_l_min                                    ? 
_reflns.number_all                                     ? 
_reflns.number_obs                                     9230 
_reflns.observed_criterion                             ? 
_reflns.observed_criterion_F_max                       ? 
_reflns.observed_criterion_F_min                       ? 
_reflns.observed_criterion_I_max                       ? 
_reflns.observed_criterion_I_min                       ? 
_reflns.observed_criterion_sigma_F                     ? 
_reflns.observed_criterion_sigma_I                     ? 
_reflns.percent_possible_obs                           97.4 
_reflns.R_free_details                                 ? 
_reflns.Rmerge_F_all                                   ? 
_reflns.Rmerge_F_obs                                   ? 
_reflns.Friedel_coverage                               ? 
_reflns.number_gt                                      ? 
_reflns.threshold_expression                           ? 
_reflns.pdbx_redundancy                                12.9 
_reflns.pdbx_netI_over_av_sigmaI                       ? 
_reflns.pdbx_netI_over_sigmaI                          21.9 
_reflns.pdbx_res_netI_over_av_sigmaI_2                 ? 
_reflns.pdbx_res_netI_over_sigmaI_2                    ? 
_reflns.pdbx_chi_squared                               0.96 
_reflns.pdbx_scaling_rejects                           ? 
_reflns.pdbx_d_res_high_opt                            ? 
_reflns.pdbx_d_res_low_opt                             ? 
_reflns.pdbx_d_res_opt_method                          ? 
_reflns.phase_calculation_details                      ? 
_reflns.pdbx_Rrim_I_all                                0.073 
_reflns.pdbx_Rpim_I_all                                0.020 
_reflns.pdbx_d_opt                                     ? 
_reflns.pdbx_number_measured_all                       118718 
_reflns.pdbx_diffrn_id                                 1 
_reflns.pdbx_ordinal                                   1 
_reflns.pdbx_CC_half                                   0.998 
_reflns.pdbx_CC_star                                   ? 
_reflns.pdbx_R_split                                   ? 
_reflns.pdbx_Rmerge_I_obs                              0.070 
_reflns.pdbx_Rmerge_I_all                              ? 
_reflns.pdbx_Rsym_value                                ? 
_reflns.pdbx_CC_split_method                           ? 
_reflns.pdbx_aniso_diffraction_limit_axis_1_ortho[1]   ? 
_reflns.pdbx_aniso_diffraction_limit_axis_1_ortho[2]   ? 
_reflns.pdbx_aniso_diffraction_limit_axis_1_ortho[3]   ? 
_reflns.pdbx_aniso_diffraction_limit_axis_2_ortho[1]   ? 
_reflns.pdbx_aniso_diffraction_limit_axis_2_ortho[2]   ? 
_reflns.pdbx_aniso_diffraction_limit_axis_2_ortho[3]   ? 
_reflns.pdbx_aniso_diffraction_limit_axis_3_ortho[1]   ? 
_reflns.pdbx_aniso_diffraction_limit_axis_3_ortho[2]   ? 
_reflns.pdbx_aniso_diffraction_limit_axis_3_ortho[3]   ? 
_reflns.pdbx_aniso_diffraction_limit_1                 ? 
_reflns.pdbx_aniso_diffraction_limit_2                 ? 
_reflns.pdbx_aniso_diffraction_limit_3                 ? 
_reflns.pdbx_aniso_B_tensor_eigenvector_1_ortho[1]     ? 
_reflns.pdbx_aniso_B_tensor_eigenvector_1_ortho[2]     ? 
_reflns.pdbx_aniso_B_tensor_eigenvector_1_ortho[3]     ? 
_reflns.pdbx_aniso_B_tensor_eigenvector_2_ortho[1]     ? 
_reflns.pdbx_aniso_B_tensor_eigenvector_2_ortho[2]     ? 
_reflns.pdbx_aniso_B_tensor_eigenvector_2_ortho[3]     ? 
_reflns.pdbx_aniso_B_tensor_eigenvector_3_ortho[1]     ? 
_reflns.pdbx_aniso_B_tensor_eigenvector_3_ortho[2]     ? 
_reflns.pdbx_aniso_B_tensor_eigenvector_3_ortho[3]     ? 
_reflns.pdbx_aniso_B_tensor_eigenvalue_1               ? 
_reflns.pdbx_aniso_B_tensor_eigenvalue_2               ? 
_reflns.pdbx_aniso_B_tensor_eigenvalue_3               ? 
_reflns.pdbx_orthogonalization_convention              ? 
_reflns.pdbx_percent_possible_ellipsoidal              ? 
_reflns.pdbx_percent_possible_spherical                ? 
_reflns.pdbx_percent_possible_ellipsoidal_anomalous    ? 
_reflns.pdbx_percent_possible_spherical_anomalous      ? 
_reflns.pdbx_redundancy_anomalous                      ? 
_reflns.pdbx_CC_half_anomalous                         ? 
_reflns.pdbx_absDiff_over_sigma_anomalous              ? 
_reflns.pdbx_percent_possible_anomalous                ? 
_reflns.pdbx_observed_signal_threshold                 ? 
_reflns.pdbx_signal_type                               ? 
_reflns.pdbx_signal_details                            ? 
_reflns.pdbx_signal_software_id                        ? 
# 
_reflns_shell.d_res_high                                    1.55 
_reflns_shell.d_res_low                                     1.58 
_reflns_shell.meanI_over_sigI_all                           ? 
_reflns_shell.meanI_over_sigI_obs                           ? 
_reflns_shell.number_measured_all                           2980 
_reflns_shell.number_measured_obs                           ? 
_reflns_shell.number_possible                               ? 
_reflns_shell.number_unique_all                             ? 
_reflns_shell.number_unique_obs                             345 
_reflns_shell.percent_possible_obs                          76.8 
_reflns_shell.Rmerge_F_all                                  ? 
_reflns_shell.Rmerge_F_obs                                  ? 
_reflns_shell.meanI_over_sigI_gt                            ? 
_reflns_shell.meanI_over_uI_all                             ? 
_reflns_shell.meanI_over_uI_gt                              ? 
_reflns_shell.number_measured_gt                            ? 
_reflns_shell.number_unique_gt                              ? 
_reflns_shell.percent_possible_gt                           ? 
_reflns_shell.Rmerge_F_gt                                   ? 
_reflns_shell.Rmerge_I_gt                                   ? 
_reflns_shell.pdbx_redundancy                               8.6 
_reflns_shell.pdbx_chi_squared                              0.95 
_reflns_shell.pdbx_netI_over_sigmaI_all                     ? 
_reflns_shell.pdbx_netI_over_sigmaI_obs                     3.8 
_reflns_shell.pdbx_Rrim_I_all                               0.543 
_reflns_shell.pdbx_Rpim_I_all                               0.173 
_reflns_shell.pdbx_rejects                                  ? 
_reflns_shell.pdbx_ordinal                                  1 
_reflns_shell.pdbx_diffrn_id                                1 
_reflns_shell.pdbx_CC_half                                  0.915 
_reflns_shell.pdbx_CC_star                                  ? 
_reflns_shell.pdbx_R_split                                  ? 
_reflns_shell.percent_possible_all                          ? 
_reflns_shell.Rmerge_I_all                                  ? 
_reflns_shell.Rmerge_I_obs                                  0.512 
_reflns_shell.pdbx_Rsym_value                               ? 
_reflns_shell.pdbx_percent_possible_ellipsoidal             ? 
_reflns_shell.pdbx_percent_possible_spherical               ? 
_reflns_shell.pdbx_percent_possible_ellipsoidal_anomalous   ? 
_reflns_shell.pdbx_percent_possible_spherical_anomalous     ? 
_reflns_shell.pdbx_redundancy_anomalous                     ? 
_reflns_shell.pdbx_CC_half_anomalous                        ? 
_reflns_shell.pdbx_absDiff_over_sigma_anomalous             ? 
_reflns_shell.pdbx_percent_possible_anomalous               ? 
# 
_refine.aniso_B[1][1]                            ? 
_refine.aniso_B[1][2]                            ? 
_refine.aniso_B[1][3]                            ? 
_refine.aniso_B[2][2]                            ? 
_refine.aniso_B[2][3]                            ? 
_refine.aniso_B[3][3]                            ? 
_refine.B_iso_max                                ? 
_refine.B_iso_mean                               ? 
_refine.B_iso_min                                ? 
_refine.correlation_coeff_Fo_to_Fc               ? 
_refine.correlation_coeff_Fo_to_Fc_free          ? 
_refine.details                                  ? 
_refine.diff_density_max                         ? 
_refine.diff_density_max_esd                     ? 
_refine.diff_density_min                         ? 
_refine.diff_density_min_esd                     ? 
_refine.diff_density_rms                         ? 
_refine.diff_density_rms_esd                     ? 
_refine.entry_id                                 8QJ6 
_refine.pdbx_refine_id                           'X-RAY DIFFRACTION' 
_refine.ls_abs_structure_details                 ? 
_refine.ls_abs_structure_Flack                   ? 
_refine.ls_abs_structure_Flack_esd               ? 
_refine.ls_abs_structure_Rogers                  ? 
_refine.ls_abs_structure_Rogers_esd              ? 
_refine.ls_d_res_high                            1.55 
_refine.ls_d_res_low                             34.21 
_refine.ls_extinction_coef                       ? 
_refine.ls_extinction_coef_esd                   ? 
_refine.ls_extinction_expression                 ? 
_refine.ls_extinction_method                     ? 
_refine.ls_goodness_of_fit_all                   ? 
_refine.ls_goodness_of_fit_all_esd               ? 
_refine.ls_goodness_of_fit_obs                   ? 
_refine.ls_goodness_of_fit_obs_esd               ? 
_refine.ls_hydrogen_treatment                    ? 
_refine.ls_matrix_type                           ? 
_refine.ls_number_constraints                    ? 
_refine.ls_number_parameters                     ? 
_refine.ls_number_reflns_all                     ? 
_refine.ls_number_reflns_obs                     9227 
_refine.ls_number_reflns_R_free                  427 
_refine.ls_number_reflns_R_work                  ? 
_refine.ls_number_restraints                     ? 
_refine.ls_percent_reflns_obs                    97.15 
_refine.ls_percent_reflns_R_free                 4.63 
_refine.ls_R_factor_all                          ? 
_refine.ls_R_factor_obs                          0.1568 
_refine.ls_R_factor_R_free                       0.1891 
_refine.ls_R_factor_R_free_error                 ? 
_refine.ls_R_factor_R_free_error_details         ? 
_refine.ls_R_factor_R_work                       0.1553 
_refine.ls_R_Fsqd_factor_obs                     ? 
_refine.ls_R_I_factor_obs                        ? 
_refine.ls_redundancy_reflns_all                 ? 
_refine.ls_redundancy_reflns_obs                 ? 
_refine.ls_restrained_S_all                      ? 
_refine.ls_restrained_S_obs                      ? 
_refine.ls_shift_over_esd_max                    ? 
_refine.ls_shift_over_esd_mean                   ? 
_refine.ls_structure_factor_coef                 ? 
_refine.ls_weighting_details                     ? 
_refine.ls_weighting_scheme                      ? 
_refine.ls_wR_factor_all                         ? 
_refine.ls_wR_factor_obs                         ? 
_refine.ls_wR_factor_R_free                      ? 
_refine.ls_wR_factor_R_work                      ? 
_refine.occupancy_max                            ? 
_refine.occupancy_min                            ? 
_refine.solvent_model_details                    'FLAT BULK SOLVENT MODEL' 
_refine.solvent_model_param_bsol                 ? 
_refine.solvent_model_param_ksol                 ? 
_refine.pdbx_R_complete                          ? 
_refine.ls_R_factor_gt                           ? 
_refine.ls_goodness_of_fit_gt                    ? 
_refine.ls_goodness_of_fit_ref                   ? 
_refine.ls_shift_over_su_max                     ? 
_refine.ls_shift_over_su_max_lt                  ? 
_refine.ls_shift_over_su_mean                    ? 
_refine.ls_shift_over_su_mean_lt                 ? 
_refine.pdbx_ls_sigma_I                          ? 
_refine.pdbx_ls_sigma_F                          1.36 
_refine.pdbx_ls_sigma_Fsqd                       ? 
_refine.pdbx_data_cutoff_high_absF               ? 
_refine.pdbx_data_cutoff_high_rms_absF           ? 
_refine.pdbx_data_cutoff_low_absF                ? 
_refine.pdbx_isotropic_thermal_model             ? 
_refine.pdbx_ls_cross_valid_method               'FREE R-VALUE' 
_refine.pdbx_method_to_determine_struct          'MOLECULAR REPLACEMENT' 
_refine.pdbx_starting_model                      ? 
_refine.pdbx_stereochemistry_target_values       ML 
_refine.pdbx_R_Free_selection_details            ? 
_refine.pdbx_stereochem_target_val_spec_case     ? 
_refine.pdbx_overall_ESU_R                       ? 
_refine.pdbx_overall_ESU_R_Free                  ? 
_refine.pdbx_solvent_vdw_probe_radii             1.10 
_refine.pdbx_solvent_ion_probe_radii             ? 
_refine.pdbx_solvent_shrinkage_radii             0.90 
_refine.pdbx_real_space_R                        ? 
_refine.pdbx_density_correlation                 ? 
_refine.pdbx_pd_number_of_powder_patterns        ? 
_refine.pdbx_pd_number_of_points                 ? 
_refine.pdbx_pd_meas_number_of_points            ? 
_refine.pdbx_pd_proc_ls_prof_R_factor            ? 
_refine.pdbx_pd_proc_ls_prof_wR_factor           ? 
_refine.pdbx_pd_Marquardt_correlation_coeff      ? 
_refine.pdbx_pd_Fsqrd_R_factor                   ? 
_refine.pdbx_pd_ls_matrix_band_width             ? 
_refine.pdbx_overall_phase_error                 19.03 
_refine.pdbx_overall_SU_R_free_Cruickshank_DPI   ? 
_refine.pdbx_overall_SU_R_free_Blow_DPI          ? 
_refine.pdbx_overall_SU_R_Blow_DPI               ? 
_refine.pdbx_TLS_residual_ADP_flag               ? 
_refine.pdbx_diffrn_id                           1 
_refine.overall_SU_B                             ? 
_refine.overall_SU_ML                            0.17 
_refine.overall_SU_R_Cruickshank_DPI             ? 
_refine.overall_SU_R_free                        ? 
_refine.overall_FOM_free_R_set                   ? 
_refine.overall_FOM_work_R_set                   ? 
_refine.pdbx_average_fsc_overall                 ? 
_refine.pdbx_average_fsc_work                    ? 
_refine.pdbx_average_fsc_free                    ? 
# 
_refine_hist.pdbx_refine_id                   'X-RAY DIFFRACTION' 
_refine_hist.cycle_id                         LAST 
_refine_hist.pdbx_number_atoms_protein        433 
_refine_hist.pdbx_number_atoms_nucleic_acid   0 
_refine_hist.pdbx_number_atoms_ligand         44 
_refine_hist.number_atoms_solvent             69 
_refine_hist.number_atoms_total               546 
_refine_hist.d_res_high                       1.55 
_refine_hist.d_res_low                        34.21 
# 
loop_
_refine_ls_restr.pdbx_refine_id 
_refine_ls_restr.criterion 
_refine_ls_restr.dev_ideal 
_refine_ls_restr.dev_ideal_target 
_refine_ls_restr.number 
_refine_ls_restr.rejects 
_refine_ls_restr.type 
_refine_ls_restr.weight 
_refine_ls_restr.pdbx_restraint_function 
'X-RAY DIFFRACTION' ? 0.009  ? ?  ? f_bond_d           ? ? 
'X-RAY DIFFRACTION' ? 0.997  ? ?  ? f_angle_d          ? ? 
'X-RAY DIFFRACTION' ? 21.435 ? 75 ? f_dihedral_angle_d ? ? 
'X-RAY DIFFRACTION' ? 0.044  ? 74 ? f_chiral_restr     ? ? 
'X-RAY DIFFRACTION' ? 0.009  ? 85 ? f_plane_restr      ? ? 
# 
loop_
_refine_ls_shell.pdbx_refine_id 
_refine_ls_shell.d_res_high 
_refine_ls_shell.d_res_low 
_refine_ls_shell.number_reflns_all 
_refine_ls_shell.number_reflns_obs 
_refine_ls_shell.number_reflns_R_free 
_refine_ls_shell.number_reflns_R_work 
_refine_ls_shell.percent_reflns_obs 
_refine_ls_shell.percent_reflns_R_free 
_refine_ls_shell.R_factor_all 
_refine_ls_shell.R_factor_obs 
_refine_ls_shell.R_factor_R_free_error 
_refine_ls_shell.R_factor_R_work 
_refine_ls_shell.redundancy_reflns_all 
_refine_ls_shell.redundancy_reflns_obs 
_refine_ls_shell.wR_factor_all 
_refine_ls_shell.wR_factor_obs 
_refine_ls_shell.wR_factor_R_free 
_refine_ls_shell.wR_factor_R_work 
_refine_ls_shell.pdbx_R_complete 
_refine_ls_shell.pdbx_total_number_of_bins_used 
_refine_ls_shell.pdbx_phase_error 
_refine_ls_shell.pdbx_fsc_work 
_refine_ls_shell.pdbx_fsc_free 
_refine_ls_shell.R_factor_R_free 
'X-RAY DIFFRACTION' 1.55 1.77  . . 156 2715 92.00  . . . . 0.1645 . . . . . . . . . . . 0.2145 
'X-RAY DIFFRACTION' 1.78 2.23  . . 143 2986 100.00 . . . . 0.1542 . . . . . . . . . . . 0.1872 
'X-RAY DIFFRACTION' 2.24 34.21 . . 128 3099 100.00 . . . . 0.1539 . . . . . . . . . . . 0.1827 
# 
_struct.entry_id                     8QJ6 
_struct.title                        'Crystal structure of cytochrome domain 1 from PgcA' 
_struct.pdbx_model_details           ? 
_struct.pdbx_formula_weight          ? 
_struct.pdbx_formula_weight_method   ? 
_struct.pdbx_model_type_details      ? 
_struct.pdbx_CASP_flag               N 
# 
_struct_keywords.entry_id        8QJ6 
_struct_keywords.text            
'Geobacter sulfurreducens, cytochrome, extracellular electron transfer, mineral reduction., ELECTRON TRANSPORT' 
_struct_keywords.pdbx_keywords   'ELECTRON TRANSPORT' 
# 
loop_
_struct_asym.id 
_struct_asym.pdbx_blank_PDB_chainid_flag 
_struct_asym.pdbx_modified 
_struct_asym.entity_id 
_struct_asym.details 
A N N 1 ? 
B N N 2 ? 
C N N 3 ? 
D N N 4 ? 
# 
_struct_ref.id                         1 
_struct_ref.db_name                    UNP 
_struct_ref.db_code                    Q74CB3_GEOSL 
_struct_ref.pdbx_db_accession          Q74CB3 
_struct_ref.pdbx_db_isoform            ? 
_struct_ref.entity_id                  1 
_struct_ref.pdbx_seq_one_letter_code   DGQGLYAANCAACHGALATSEKKGTTLARLQSAVSANAGGMGFLSSLTSAQLQAIVDVLAVA 
_struct_ref.pdbx_align_begin           261 
# 
_struct_ref_seq.align_id                      1 
_struct_ref_seq.ref_id                        1 
_struct_ref_seq.pdbx_PDB_id_code              8QJ6 
_struct_ref_seq.pdbx_strand_id                A 
_struct_ref_seq.seq_align_beg                 25 
_struct_ref_seq.pdbx_seq_align_beg_ins_code   ? 
_struct_ref_seq.seq_align_end                 86 
_struct_ref_seq.pdbx_seq_align_end_ins_code   ? 
_struct_ref_seq.pdbx_db_accession             Q74CB3 
_struct_ref_seq.db_align_beg                  261 
_struct_ref_seq.pdbx_db_align_beg_ins_code    ? 
_struct_ref_seq.db_align_end                  322 
_struct_ref_seq.pdbx_db_align_end_ins_code    ? 
_struct_ref_seq.pdbx_auth_seq_align_beg       4 
_struct_ref_seq.pdbx_auth_seq_align_end       65 
# 
loop_
_struct_ref_seq_dif.align_id 
_struct_ref_seq_dif.pdbx_pdb_id_code 
_struct_ref_seq_dif.mon_id 
_struct_ref_seq_dif.pdbx_pdb_strand_id 
_struct_ref_seq_dif.seq_num 
_struct_ref_seq_dif.pdbx_pdb_ins_code 
_struct_ref_seq_dif.pdbx_seq_db_name 
_struct_ref_seq_dif.pdbx_seq_db_accession_code 
_struct_ref_seq_dif.db_mon_id 
_struct_ref_seq_dif.pdbx_seq_db_seq_num 
_struct_ref_seq_dif.details 
_struct_ref_seq_dif.pdbx_auth_seq_num 
_struct_ref_seq_dif.pdbx_ordinal 
1 8QJ6 MET A 1  ? UNP Q74CB3 ? ? 'initiating methionine' -20 1  
1 8QJ6 LYS A 2  ? UNP Q74CB3 ? ? 'expression tag'        -19 2  
1 8QJ6 PHE A 3  ? UNP Q74CB3 ? ? 'expression tag'        -18 3  
1 8QJ6 LYS A 4  ? UNP Q74CB3 ? ? 'expression tag'        -17 4  
1 8QJ6 LEU A 5  ? UNP Q74CB3 ? ? 'expression tag'        -16 5  
1 8QJ6 ASN A 6  ? UNP Q74CB3 ? ? 'expression tag'        -15 6  
1 8QJ6 LEU A 7  ? UNP Q74CB3 ? ? 'expression tag'        -14 7  
1 8QJ6 ILE A 8  ? UNP Q74CB3 ? ? 'expression tag'        -13 8  
1 8QJ6 THR A 9  ? UNP Q74CB3 ? ? 'expression tag'        -12 9  
1 8QJ6 LEU A 10 ? UNP Q74CB3 ? ? 'expression tag'        -11 10 
1 8QJ6 ALA A 11 ? UNP Q74CB3 ? ? 'expression tag'        -10 11 
1 8QJ6 LEU A 12 ? UNP Q74CB3 ? ? 'expression tag'        -9  12 
1 8QJ6 LEU A 13 ? UNP Q74CB3 ? ? 'expression tag'        -8  13 
1 8QJ6 ALA A 14 ? UNP Q74CB3 ? ? 'expression tag'        -7  14 
1 8QJ6 ASN A 15 ? UNP Q74CB3 ? ? 'expression tag'        -6  15 
1 8QJ6 THR A 16 ? UNP Q74CB3 ? ? 'expression tag'        -5  16 
1 8QJ6 GLY A 17 ? UNP Q74CB3 ? ? 'expression tag'        -4  17 
1 8QJ6 LEU A 18 ? UNP Q74CB3 ? ? 'expression tag'        -3  18 
1 8QJ6 ALA A 19 ? UNP Q74CB3 ? ? 'expression tag'        -2  19 
1 8QJ6 VAL A 20 ? UNP Q74CB3 ? ? 'expression tag'        -1  20 
1 8QJ6 ALA A 21 ? UNP Q74CB3 ? ? 'expression tag'        0   21 
1 8QJ6 ALA A 22 ? UNP Q74CB3 ? ? 'expression tag'        1   22 
1 8QJ6 ASP A 23 ? UNP Q74CB3 ? ? 'expression tag'        2   23 
1 8QJ6 GLY A 24 ? UNP Q74CB3 ? ? 'expression tag'        3   24 
1 8QJ6 GLY A 87 ? UNP Q74CB3 ? ? 'expression tag'        66  25 
1 8QJ6 SER A 88 ? UNP Q74CB3 ? ? 'expression tag'        67  26 
1 8QJ6 GLY A 89 ? UNP Q74CB3 ? ? 'expression tag'        68  27 
1 8QJ6 TRP A 90 ? UNP Q74CB3 ? ? 'expression tag'        69  28 
1 8QJ6 SER A 91 ? UNP Q74CB3 ? ? 'expression tag'        70  29 
1 8QJ6 HIS A 92 ? UNP Q74CB3 ? ? 'expression tag'        71  30 
1 8QJ6 PRO A 93 ? UNP Q74CB3 ? ? 'expression tag'        72  31 
1 8QJ6 GLN A 94 ? UNP Q74CB3 ? ? 'expression tag'        73  32 
1 8QJ6 PHE A 95 ? UNP Q74CB3 ? ? 'expression tag'        74  33 
1 8QJ6 GLU A 96 ? UNP Q74CB3 ? ? 'expression tag'        75  34 
1 8QJ6 LYS A 97 ? UNP Q74CB3 ? ? 'expression tag'        76  35 
# 
_pdbx_struct_assembly.id                   1 
_pdbx_struct_assembly.details              author_and_software_defined_assembly 
_pdbx_struct_assembly.method_details       PISA 
_pdbx_struct_assembly.oligomeric_details   monomeric 
_pdbx_struct_assembly.oligomeric_count     1 
# 
loop_
_pdbx_struct_assembly_prop.biol_id 
_pdbx_struct_assembly_prop.type 
_pdbx_struct_assembly_prop.value 
_pdbx_struct_assembly_prop.details 
1 'ABSA (A^2)' 1100 ? 
1 MORE         -23  ? 
1 'SSA (A^2)'  3720 ? 
# 
_pdbx_struct_assembly_gen.assembly_id       1 
_pdbx_struct_assembly_gen.oper_expression   1 
_pdbx_struct_assembly_gen.asym_id_list      A,B,C,D 
# 
_pdbx_struct_assembly_auth_evidence.id                     1 
_pdbx_struct_assembly_auth_evidence.assembly_id            1 
_pdbx_struct_assembly_auth_evidence.experimental_support   none 
_pdbx_struct_assembly_auth_evidence.details                ? 
# 
_pdbx_struct_oper_list.id                   1 
_pdbx_struct_oper_list.type                 'identity operation' 
_pdbx_struct_oper_list.name                 1_555 
_pdbx_struct_oper_list.symmetry_operation   x,y,z 
_pdbx_struct_oper_list.matrix[1][1]         1.0000000000 
_pdbx_struct_oper_list.matrix[1][2]         0.0000000000 
_pdbx_struct_oper_list.matrix[1][3]         0.0000000000 
_pdbx_struct_oper_list.vector[1]            0.0000000000 
_pdbx_struct_oper_list.matrix[2][1]         0.0000000000 
_pdbx_struct_oper_list.matrix[2][2]         1.0000000000 
_pdbx_struct_oper_list.matrix[2][3]         0.0000000000 
_pdbx_struct_oper_list.vector[2]            0.0000000000 
_pdbx_struct_oper_list.matrix[3][1]         0.0000000000 
_pdbx_struct_oper_list.matrix[3][2]         0.0000000000 
_pdbx_struct_oper_list.matrix[3][3]         1.0000000000 
_pdbx_struct_oper_list.vector[3]            0.0000000000 
# 
loop_
_struct_conf.conf_type_id 
_struct_conf.id 
_struct_conf.pdbx_PDB_helix_id 
_struct_conf.beg_label_comp_id 
_struct_conf.beg_label_asym_id 
_struct_conf.beg_label_seq_id 
_struct_conf.pdbx_beg_PDB_ins_code 
_struct_conf.end_label_comp_id 
_struct_conf.end_label_asym_id 
_struct_conf.end_label_seq_id 
_struct_conf.pdbx_end_PDB_ins_code 
_struct_conf.beg_auth_comp_id 
_struct_conf.beg_auth_asym_id 
_struct_conf.beg_auth_seq_id 
_struct_conf.end_auth_comp_id 
_struct_conf.end_auth_asym_id 
_struct_conf.end_auth_seq_id 
_struct_conf.pdbx_PDB_helix_class 
_struct_conf.details 
_struct_conf.pdbx_PDB_helix_length 
HELX_P HELX_P1 AA1 GLY A 26 ? CYS A 34 ? GLY A 5  CYS A 13 1 ? 9  
HELX_P HELX_P2 AA2 CYS A 34 ? GLY A 39 ? CYS A 13 GLY A 18 1 ? 6  
HELX_P HELX_P3 AA3 ALA A 40 ? SER A 44 ? ALA A 19 SER A 23 5 ? 5  
HELX_P HELX_P4 AA4 THR A 50 ? ALA A 60 ? THR A 29 ALA A 39 1 ? 11 
HELX_P HELX_P5 AA5 ASN A 61 ? SER A 69 ? ASN A 40 SER A 48 5 ? 9  
HELX_P HELX_P6 AA6 THR A 72 ? VAL A 85 ? THR A 51 VAL A 64 1 ? 14 
# 
_struct_conf_type.id          HELX_P 
_struct_conf_type.criteria    ? 
_struct_conf_type.reference   ? 
# 
loop_
_struct_conn.id 
_struct_conn.conn_type_id 
_struct_conn.pdbx_leaving_atom_flag 
_struct_conn.pdbx_PDB_id 
_struct_conn.ptnr1_label_asym_id 
_struct_conn.ptnr1_label_comp_id 
_struct_conn.ptnr1_label_seq_id 
_struct_conn.ptnr1_label_atom_id 
_struct_conn.pdbx_ptnr1_label_alt_id 
_struct_conn.pdbx_ptnr1_PDB_ins_code 
_struct_conn.pdbx_ptnr1_standard_comp_id 
_struct_conn.ptnr1_symmetry 
_struct_conn.ptnr2_label_asym_id 
_struct_conn.ptnr2_label_comp_id 
_struct_conn.ptnr2_label_seq_id 
_struct_conn.ptnr2_label_atom_id 
_struct_conn.pdbx_ptnr2_label_alt_id 
_struct_conn.pdbx_ptnr2_PDB_ins_code 
_struct_conn.ptnr1_auth_asym_id 
_struct_conn.ptnr1_auth_comp_id 
_struct_conn.ptnr1_auth_seq_id 
_struct_conn.ptnr2_auth_asym_id 
_struct_conn.ptnr2_auth_comp_id 
_struct_conn.ptnr2_auth_seq_id 
_struct_conn.ptnr2_symmetry 
_struct_conn.pdbx_ptnr3_label_atom_id 
_struct_conn.pdbx_ptnr3_label_seq_id 
_struct_conn.pdbx_ptnr3_label_comp_id 
_struct_conn.pdbx_ptnr3_label_asym_id 
_struct_conn.pdbx_ptnr3_label_alt_id 
_struct_conn.pdbx_ptnr3_PDB_ins_code 
_struct_conn.details 
_struct_conn.pdbx_dist_value 
_struct_conn.pdbx_value_order 
_struct_conn.pdbx_role 
covale1 covale none ? A CYS 34 SG  ? ? ? 1_555 C HEC . CAB ? ? A CYS 13  A HEC 102 1_555 ? ? ? ? ? ? ? 1.762 ? ? 
covale2 covale none ? A CYS 37 SG  ? ? ? 1_555 C HEC . CAC ? ? A CYS 16  A HEC 102 1_555 ? ? ? ? ? ? ? 1.786 ? ? 
metalc1 metalc ?    ? A HIS 38 NE2 ? ? ? 1_555 C HEC . FE  ? ? A HIS 17  A HEC 102 1_555 ? ? ? ? ? ? ? 2.008 ? ? 
metalc2 metalc ?    ? A MET 65 SD  ? ? ? 1_555 C HEC . FE  ? ? A MET 44  A HEC 102 1_555 ? ? ? ? ? ? ? 2.412 ? ? 
metalc3 metalc ?    ? B NA  .  NA  ? ? ? 1_555 D HOH . O   ? ? A NA  101 A HOH 207 8_555 ? ? ? ? ? ? ? 2.999 ? ? 
# 
loop_
_struct_conn_type.id 
_struct_conn_type.criteria 
_struct_conn_type.reference 
covale ? ? 
metalc ? ? 
# 
loop_
_pdbx_struct_conn_angle.id 
_pdbx_struct_conn_angle.ptnr1_label_atom_id 
_pdbx_struct_conn_angle.ptnr1_label_alt_id 
_pdbx_struct_conn_angle.ptnr1_label_asym_id 
_pdbx_struct_conn_angle.ptnr1_label_comp_id 
_pdbx_struct_conn_angle.ptnr1_label_seq_id 
_pdbx_struct_conn_angle.ptnr1_auth_atom_id 
_pdbx_struct_conn_angle.ptnr1_auth_asym_id 
_pdbx_struct_conn_angle.ptnr1_auth_comp_id 
_pdbx_struct_conn_angle.ptnr1_auth_seq_id 
_pdbx_struct_conn_angle.ptnr1_PDB_ins_code 
_pdbx_struct_conn_angle.ptnr1_symmetry 
_pdbx_struct_conn_angle.ptnr2_label_atom_id 
_pdbx_struct_conn_angle.ptnr2_label_alt_id 
_pdbx_struct_conn_angle.ptnr2_label_asym_id 
_pdbx_struct_conn_angle.ptnr2_label_comp_id 
_pdbx_struct_conn_angle.ptnr2_label_seq_id 
_pdbx_struct_conn_angle.ptnr2_auth_atom_id 
_pdbx_struct_conn_angle.ptnr2_auth_asym_id 
_pdbx_struct_conn_angle.ptnr2_auth_comp_id 
_pdbx_struct_conn_angle.ptnr2_auth_seq_id 
_pdbx_struct_conn_angle.ptnr2_PDB_ins_code 
_pdbx_struct_conn_angle.ptnr2_symmetry 
_pdbx_struct_conn_angle.ptnr3_label_atom_id 
_pdbx_struct_conn_angle.ptnr3_label_alt_id 
_pdbx_struct_conn_angle.ptnr3_label_asym_id 
_pdbx_struct_conn_angle.ptnr3_label_comp_id 
_pdbx_struct_conn_angle.ptnr3_label_seq_id 
_pdbx_struct_conn_angle.ptnr3_auth_atom_id 
_pdbx_struct_conn_angle.ptnr3_auth_asym_id 
_pdbx_struct_conn_angle.ptnr3_auth_comp_id 
_pdbx_struct_conn_angle.ptnr3_auth_seq_id 
_pdbx_struct_conn_angle.ptnr3_PDB_ins_code 
_pdbx_struct_conn_angle.ptnr3_symmetry 
_pdbx_struct_conn_angle.value 
_pdbx_struct_conn_angle.value_esd 
1  NE2 ? A HIS 38 ? A HIS 17  ? 1_555 FE ? C HEC . ? A HEC 102 ? 1_555 NA ? C HEC .  ? A HEC 102 ? 1_555 95.1  ? 
2  NE2 ? A HIS 38 ? A HIS 17  ? 1_555 FE ? C HEC . ? A HEC 102 ? 1_555 NB ? C HEC .  ? A HEC 102 ? 1_555 86.1  ? 
3  NA  ? C HEC .  ? A HEC 102 ? 1_555 FE ? C HEC . ? A HEC 102 ? 1_555 NB ? C HEC .  ? A HEC 102 ? 1_555 90.2  ? 
4  NE2 ? A HIS 38 ? A HIS 17  ? 1_555 FE ? C HEC . ? A HEC 102 ? 1_555 NC ? C HEC .  ? A HEC 102 ? 1_555 78.5  ? 
5  NA  ? C HEC .  ? A HEC 102 ? 1_555 FE ? C HEC . ? A HEC 102 ? 1_555 NC ? C HEC .  ? A HEC 102 ? 1_555 173.6 ? 
6  NB  ? C HEC .  ? A HEC 102 ? 1_555 FE ? C HEC . ? A HEC 102 ? 1_555 NC ? C HEC .  ? A HEC 102 ? 1_555 90.1  ? 
7  NE2 ? A HIS 38 ? A HIS 17  ? 1_555 FE ? C HEC . ? A HEC 102 ? 1_555 ND ? C HEC .  ? A HEC 102 ? 1_555 91.7  ? 
8  NA  ? C HEC .  ? A HEC 102 ? 1_555 FE ? C HEC . ? A HEC 102 ? 1_555 ND ? C HEC .  ? A HEC 102 ? 1_555 91.1  ? 
9  NB  ? C HEC .  ? A HEC 102 ? 1_555 FE ? C HEC . ? A HEC 102 ? 1_555 ND ? C HEC .  ? A HEC 102 ? 1_555 177.5 ? 
10 NC  ? C HEC .  ? A HEC 102 ? 1_555 FE ? C HEC . ? A HEC 102 ? 1_555 ND ? C HEC .  ? A HEC 102 ? 1_555 88.3  ? 
11 NE2 ? A HIS 38 ? A HIS 17  ? 1_555 FE ? C HEC . ? A HEC 102 ? 1_555 SD ? A MET 65 ? A MET 44  ? 1_555 178.5 ? 
12 NA  ? C HEC .  ? A HEC 102 ? 1_555 FE ? C HEC . ? A HEC 102 ? 1_555 SD ? A MET 65 ? A MET 44  ? 1_555 85.9  ? 
13 NB  ? C HEC .  ? A HEC 102 ? 1_555 FE ? C HEC . ? A HEC 102 ? 1_555 SD ? A MET 65 ? A MET 44  ? 1_555 95.0  ? 
14 NC  ? C HEC .  ? A HEC 102 ? 1_555 FE ? C HEC . ? A HEC 102 ? 1_555 SD ? A MET 65 ? A MET 44  ? 1_555 100.5 ? 
15 ND  ? C HEC .  ? A HEC 102 ? 1_555 FE ? C HEC . ? A HEC 102 ? 1_555 SD ? A MET 65 ? A MET 44  ? 1_555 87.2  ? 
# 
loop_
_pdbx_modification_feature.ordinal 
_pdbx_modification_feature.label_comp_id 
_pdbx_modification_feature.label_asym_id 
_pdbx_modification_feature.label_seq_id 
_pdbx_modification_feature.label_alt_id 
_pdbx_modification_feature.modified_residue_label_comp_id 
_pdbx_modification_feature.modified_residue_label_asym_id 
_pdbx_modification_feature.modified_residue_label_seq_id 
_pdbx_modification_feature.modified_residue_label_alt_id 
_pdbx_modification_feature.auth_comp_id 
_pdbx_modification_feature.auth_asym_id 
_pdbx_modification_feature.auth_seq_id 
_pdbx_modification_feature.PDB_ins_code 
_pdbx_modification_feature.symmetry 
_pdbx_modification_feature.modified_residue_auth_comp_id 
_pdbx_modification_feature.modified_residue_auth_asym_id 
_pdbx_modification_feature.modified_residue_auth_seq_id 
_pdbx_modification_feature.modified_residue_PDB_ins_code 
_pdbx_modification_feature.modified_residue_symmetry 
_pdbx_modification_feature.comp_id_linking_atom 
_pdbx_modification_feature.modified_residue_id_linking_atom 
_pdbx_modification_feature.modified_residue_id 
_pdbx_modification_feature.ref_pcm_id 
_pdbx_modification_feature.ref_comp_id 
_pdbx_modification_feature.type 
_pdbx_modification_feature.category 
1 HEC C . ? CYS A 34 ? HEC A 102 ? 1_555 CYS A 13 ? 1_555 CAB SG CYS 2 HEC None Heme/heme-like 
2 HEC C . ? CYS A 37 ? HEC A 102 ? 1_555 CYS A 16 ? 1_555 CAC SG CYS 3 HEC None Heme/heme-like 
# 
_pdbx_entry_details.entry_id                   8QJ6 
_pdbx_entry_details.has_ligand_of_interest     Y 
_pdbx_entry_details.compound_details           ? 
_pdbx_entry_details.source_details             ? 
_pdbx_entry_details.nonpolymer_details         ? 
_pdbx_entry_details.sequence_details           ? 
_pdbx_entry_details.has_protein_modification   Y 
# 
loop_
_pdbx_validate_close_contact.id 
_pdbx_validate_close_contact.PDB_model_num 
_pdbx_validate_close_contact.auth_atom_id_1 
_pdbx_validate_close_contact.auth_asym_id_1 
_pdbx_validate_close_contact.auth_comp_id_1 
_pdbx_validate_close_contact.auth_seq_id_1 
_pdbx_validate_close_contact.PDB_ins_code_1 
_pdbx_validate_close_contact.label_alt_id_1 
_pdbx_validate_close_contact.auth_atom_id_2 
_pdbx_validate_close_contact.auth_asym_id_2 
_pdbx_validate_close_contact.auth_comp_id_2 
_pdbx_validate_close_contact.auth_seq_id_2 
_pdbx_validate_close_contact.PDB_ins_code_2 
_pdbx_validate_close_contact.label_alt_id_2 
_pdbx_validate_close_contact.dist 
1 1 O A HOH 255 ? ? O A HOH 266 ? ? 1.93 
2 1 O A HOH 243 ? ? O A HOH 247 ? ? 1.95 
3 1 O A HOH 240 ? ? O A HOH 267 ? ? 2.10 
4 1 O A HOH 232 ? ? O A HOH 261 ? ? 2.11 
5 1 O A HOH 246 ? ? O A HOH 256 ? ? 2.13 
6 1 O A HOH 258 ? ? O A HOH 262 ? ? 2.19 
# 
_pdbx_validate_symm_contact.id                1 
_pdbx_validate_symm_contact.PDB_model_num     1 
_pdbx_validate_symm_contact.auth_atom_id_1    O 
_pdbx_validate_symm_contact.auth_asym_id_1    A 
_pdbx_validate_symm_contact.auth_comp_id_1    HOH 
_pdbx_validate_symm_contact.auth_seq_id_1     239 
_pdbx_validate_symm_contact.PDB_ins_code_1    ? 
_pdbx_validate_symm_contact.label_alt_id_1    ? 
_pdbx_validate_symm_contact.site_symmetry_1   1_555 
_pdbx_validate_symm_contact.auth_atom_id_2    O 
_pdbx_validate_symm_contact.auth_asym_id_2    A 
_pdbx_validate_symm_contact.auth_comp_id_2    HOH 
_pdbx_validate_symm_contact.auth_seq_id_2     251 
_pdbx_validate_symm_contact.PDB_ins_code_2    ? 
_pdbx_validate_symm_contact.label_alt_id_2    ? 
_pdbx_validate_symm_contact.site_symmetry_2   8_555 
_pdbx_validate_symm_contact.dist              1.95 
# 
_pdbx_validate_torsion.id              1 
_pdbx_validate_torsion.PDB_model_num   1 
_pdbx_validate_torsion.auth_comp_id    CYS 
_pdbx_validate_torsion.auth_asym_id    A 
_pdbx_validate_torsion.auth_seq_id     13 
_pdbx_validate_torsion.PDB_ins_code    ? 
_pdbx_validate_torsion.label_alt_id    ? 
_pdbx_validate_torsion.phi             -132.06 
_pdbx_validate_torsion.psi             -34.79 
# 
loop_
_pdbx_unobs_or_zero_occ_residues.id 
_pdbx_unobs_or_zero_occ_residues.PDB_model_num 
_pdbx_unobs_or_zero_occ_residues.polymer_flag 
_pdbx_unobs_or_zero_occ_residues.occupancy_flag 
_pdbx_unobs_or_zero_occ_residues.auth_asym_id 
_pdbx_unobs_or_zero_occ_residues.auth_comp_id 
_pdbx_unobs_or_zero_occ_residues.auth_seq_id 
_pdbx_unobs_or_zero_occ_residues.PDB_ins_code 
_pdbx_unobs_or_zero_occ_residues.label_asym_id 
_pdbx_unobs_or_zero_occ_residues.label_comp_id 
_pdbx_unobs_or_zero_occ_residues.label_seq_id 
1  1 Y 1 A MET -20 ? A MET 1  
2  1 Y 1 A LYS -19 ? A LYS 2  
3  1 Y 1 A PHE -18 ? A PHE 3  
4  1 Y 1 A LYS -17 ? A LYS 4  
5  1 Y 1 A LEU -16 ? A LEU 5  
6  1 Y 1 A ASN -15 ? A ASN 6  
7  1 Y 1 A LEU -14 ? A LEU 7  
8  1 Y 1 A ILE -13 ? A ILE 8  
9  1 Y 1 A THR -12 ? A THR 9  
10 1 Y 1 A LEU -11 ? A LEU 10 
11 1 Y 1 A ALA -10 ? A ALA 11 
12 1 Y 1 A LEU -9  ? A LEU 12 
13 1 Y 1 A LEU -8  ? A LEU 13 
14 1 Y 1 A ALA -7  ? A ALA 14 
15 1 Y 1 A ASN -6  ? A ASN 15 
16 1 Y 1 A THR -5  ? A THR 16 
17 1 Y 1 A GLY -4  ? A GLY 17 
18 1 Y 1 A LEU -3  ? A LEU 18 
19 1 Y 1 A ALA -2  ? A ALA 19 
20 1 Y 1 A VAL -1  ? A VAL 20 
21 1 Y 1 A ALA 0   ? A ALA 21 
22 1 Y 1 A ALA 65  ? A ALA 86 
23 1 Y 1 A GLY 66  ? A GLY 87 
24 1 Y 1 A SER 67  ? A SER 88 
25 1 Y 1 A GLY 68  ? A GLY 89 
26 1 Y 1 A TRP 69  ? A TRP 90 
27 1 Y 1 A SER 70  ? A SER 91 
28 1 Y 1 A HIS 71  ? A HIS 92 
29 1 Y 1 A PRO 72  ? A PRO 93 
30 1 Y 1 A GLN 73  ? A GLN 94 
31 1 Y 1 A PHE 74  ? A PHE 95 
32 1 Y 1 A GLU 75  ? A GLU 96 
33 1 Y 1 A LYS 76  ? A LYS 97 
# 
loop_
_chem_comp_atom.comp_id 
_chem_comp_atom.atom_id 
_chem_comp_atom.type_symbol 
_chem_comp_atom.pdbx_aromatic_flag 
_chem_comp_atom.pdbx_stereo_config 
_chem_comp_atom.pdbx_ordinal 
ALA N    N  N N 1   
ALA CA   C  N S 2   
ALA C    C  N N 3   
ALA O    O  N N 4   
ALA CB   C  N N 5   
ALA OXT  O  N N 6   
ALA H    H  N N 7   
ALA H2   H  N N 8   
ALA HA   H  N N 9   
ALA HB1  H  N N 10  
ALA HB2  H  N N 11  
ALA HB3  H  N N 12  
ALA HXT  H  N N 13  
ARG N    N  N N 14  
ARG CA   C  N S 15  
ARG C    C  N N 16  
ARG O    O  N N 17  
ARG CB   C  N N 18  
ARG CG   C  N N 19  
ARG CD   C  N N 20  
ARG NE   N  N N 21  
ARG CZ   C  N N 22  
ARG NH1  N  N N 23  
ARG NH2  N  N N 24  
ARG OXT  O  N N 25  
ARG H    H  N N 26  
ARG H2   H  N N 27  
ARG HA   H  N N 28  
ARG HB2  H  N N 29  
ARG HB3  H  N N 30  
ARG HG2  H  N N 31  
ARG HG3  H  N N 32  
ARG HD2  H  N N 33  
ARG HD3  H  N N 34  
ARG HE   H  N N 35  
ARG HH11 H  N N 36  
ARG HH12 H  N N 37  
ARG HH21 H  N N 38  
ARG HH22 H  N N 39  
ARG HXT  H  N N 40  
ASN N    N  N N 41  
ASN CA   C  N S 42  
ASN C    C  N N 43  
ASN O    O  N N 44  
ASN CB   C  N N 45  
ASN CG   C  N N 46  
ASN OD1  O  N N 47  
ASN ND2  N  N N 48  
ASN OXT  O  N N 49  
ASN H    H  N N 50  
ASN H2   H  N N 51  
ASN HA   H  N N 52  
ASN HB2  H  N N 53  
ASN HB3  H  N N 54  
ASN HD21 H  N N 55  
ASN HD22 H  N N 56  
ASN HXT  H  N N 57  
ASP N    N  N N 58  
ASP CA   C  N S 59  
ASP C    C  N N 60  
ASP O    O  N N 61  
ASP CB   C  N N 62  
ASP CG   C  N N 63  
ASP OD1  O  N N 64  
ASP OD2  O  N N 65  
ASP OXT  O  N N 66  
ASP H    H  N N 67  
ASP H2   H  N N 68  
ASP HA   H  N N 69  
ASP HB2  H  N N 70  
ASP HB3  H  N N 71  
ASP HD2  H  N N 72  
ASP HXT  H  N N 73  
CYS N    N  N N 74  
CYS CA   C  N R 75  
CYS C    C  N N 76  
CYS O    O  N N 77  
CYS CB   C  N N 78  
CYS SG   S  N N 79  
CYS OXT  O  N N 80  
CYS H    H  N N 81  
CYS H2   H  N N 82  
CYS HA   H  N N 83  
CYS HB2  H  N N 84  
CYS HB3  H  N N 85  
CYS HG   H  N N 86  
CYS HXT  H  N N 87  
GLN N    N  N N 88  
GLN CA   C  N S 89  
GLN C    C  N N 90  
GLN O    O  N N 91  
GLN CB   C  N N 92  
GLN CG   C  N N 93  
GLN CD   C  N N 94  
GLN OE1  O  N N 95  
GLN NE2  N  N N 96  
GLN OXT  O  N N 97  
GLN H    H  N N 98  
GLN H2   H  N N 99  
GLN HA   H  N N 100 
GLN HB2  H  N N 101 
GLN HB3  H  N N 102 
GLN HG2  H  N N 103 
GLN HG3  H  N N 104 
GLN HE21 H  N N 105 
GLN HE22 H  N N 106 
GLN HXT  H  N N 107 
GLU N    N  N N 108 
GLU CA   C  N S 109 
GLU C    C  N N 110 
GLU O    O  N N 111 
GLU CB   C  N N 112 
GLU CG   C  N N 113 
GLU CD   C  N N 114 
GLU OE1  O  N N 115 
GLU OE2  O  N N 116 
GLU OXT  O  N N 117 
GLU H    H  N N 118 
GLU H2   H  N N 119 
GLU HA   H  N N 120 
GLU HB2  H  N N 121 
GLU HB3  H  N N 122 
GLU HG2  H  N N 123 
GLU HG3  H  N N 124 
GLU HE2  H  N N 125 
GLU HXT  H  N N 126 
GLY N    N  N N 127 
GLY CA   C  N N 128 
GLY C    C  N N 129 
GLY O    O  N N 130 
GLY OXT  O  N N 131 
GLY H    H  N N 132 
GLY H2   H  N N 133 
GLY HA2  H  N N 134 
GLY HA3  H  N N 135 
GLY HXT  H  N N 136 
HEC FE   FE N N 137 
HEC CHA  C  N N 138 
HEC CHB  C  N N 139 
HEC CHC  C  N N 140 
HEC CHD  C  N N 141 
HEC NA   N  Y N 142 
HEC C1A  C  Y N 143 
HEC C2A  C  Y N 144 
HEC C3A  C  Y N 145 
HEC C4A  C  Y N 146 
HEC CMA  C  N N 147 
HEC CAA  C  N N 148 
HEC CBA  C  N N 149 
HEC CGA  C  N N 150 
HEC O1A  O  N N 151 
HEC O2A  O  N N 152 
HEC NB   N  Y N 153 
HEC C1B  C  Y N 154 
HEC C2B  C  Y N 155 
HEC C3B  C  Y N 156 
HEC C4B  C  Y N 157 
HEC CMB  C  N N 158 
HEC CAB  C  N N 159 
HEC CBB  C  N N 160 
HEC NC   N  Y N 161 
HEC C1C  C  Y N 162 
HEC C2C  C  Y N 163 
HEC C3C  C  Y N 164 
HEC C4C  C  Y N 165 
HEC CMC  C  N N 166 
HEC CAC  C  N N 167 
HEC CBC  C  N N 168 
HEC ND   N  Y N 169 
HEC C1D  C  Y N 170 
HEC C2D  C  Y N 171 
HEC C3D  C  Y N 172 
HEC C4D  C  Y N 173 
HEC CMD  C  N N 174 
HEC CAD  C  N N 175 
HEC CBD  C  N N 176 
HEC CGD  C  N N 177 
HEC O1D  O  N N 178 
HEC O2D  O  N N 179 
HEC HHA  H  N N 180 
HEC HHB  H  N N 181 
HEC HHC  H  N N 182 
HEC HHD  H  N N 183 
HEC HMA1 H  N N 184 
HEC HMA2 H  N N 185 
HEC HMA3 H  N N 186 
HEC HAA1 H  N N 187 
HEC HAA2 H  N N 188 
HEC HBA1 H  N N 189 
HEC HBA2 H  N N 190 
HEC H2A  H  N N 191 
HEC HMB1 H  N N 192 
HEC HMB2 H  N N 193 
HEC HMB3 H  N N 194 
HEC HAB  H  N N 195 
HEC HBB1 H  N N 196 
HEC HBB2 H  N N 197 
HEC HBB3 H  N N 198 
HEC HMC1 H  N N 199 
HEC HMC2 H  N N 200 
HEC HMC3 H  N N 201 
HEC HAC  H  N N 202 
HEC HBC1 H  N N 203 
HEC HBC2 H  N N 204 
HEC HBC3 H  N N 205 
HEC HMD1 H  N N 206 
HEC HMD2 H  N N 207 
HEC HMD3 H  N N 208 
HEC HAD1 H  N N 209 
HEC HAD2 H  N N 210 
HEC HBD1 H  N N 211 
HEC HBD2 H  N N 212 
HEC H2D  H  N N 213 
HIS N    N  N N 214 
HIS CA   C  N S 215 
HIS C    C  N N 216 
HIS O    O  N N 217 
HIS CB   C  N N 218 
HIS CG   C  Y N 219 
HIS ND1  N  Y N 220 
HIS CD2  C  Y N 221 
HIS CE1  C  Y N 222 
HIS NE2  N  Y N 223 
HIS OXT  O  N N 224 
HIS H    H  N N 225 
HIS H2   H  N N 226 
HIS HA   H  N N 227 
HIS HB2  H  N N 228 
HIS HB3  H  N N 229 
HIS HD1  H  N N 230 
HIS HD2  H  N N 231 
HIS HE1  H  N N 232 
HIS HE2  H  N N 233 
HIS HXT  H  N N 234 
HOH O    O  N N 235 
HOH H1   H  N N 236 
HOH H2   H  N N 237 
ILE N    N  N N 238 
ILE CA   C  N S 239 
ILE C    C  N N 240 
ILE O    O  N N 241 
ILE CB   C  N S 242 
ILE CG1  C  N N 243 
ILE CG2  C  N N 244 
ILE CD1  C  N N 245 
ILE OXT  O  N N 246 
ILE H    H  N N 247 
ILE H2   H  N N 248 
ILE HA   H  N N 249 
ILE HB   H  N N 250 
ILE HG12 H  N N 251 
ILE HG13 H  N N 252 
ILE HG21 H  N N 253 
ILE HG22 H  N N 254 
ILE HG23 H  N N 255 
ILE HD11 H  N N 256 
ILE HD12 H  N N 257 
ILE HD13 H  N N 258 
ILE HXT  H  N N 259 
LEU N    N  N N 260 
LEU CA   C  N S 261 
LEU C    C  N N 262 
LEU O    O  N N 263 
LEU CB   C  N N 264 
LEU CG   C  N N 265 
LEU CD1  C  N N 266 
LEU CD2  C  N N 267 
LEU OXT  O  N N 268 
LEU H    H  N N 269 
LEU H2   H  N N 270 
LEU HA   H  N N 271 
LEU HB2  H  N N 272 
LEU HB3  H  N N 273 
LEU HG   H  N N 274 
LEU HD11 H  N N 275 
LEU HD12 H  N N 276 
LEU HD13 H  N N 277 
LEU HD21 H  N N 278 
LEU HD22 H  N N 279 
LEU HD23 H  N N 280 
LEU HXT  H  N N 281 
LYS N    N  N N 282 
LYS CA   C  N S 283 
LYS C    C  N N 284 
LYS O    O  N N 285 
LYS CB   C  N N 286 
LYS CG   C  N N 287 
LYS CD   C  N N 288 
LYS CE   C  N N 289 
LYS NZ   N  N N 290 
LYS OXT  O  N N 291 
LYS H    H  N N 292 
LYS H2   H  N N 293 
LYS HA   H  N N 294 
LYS HB2  H  N N 295 
LYS HB3  H  N N 296 
LYS HG2  H  N N 297 
LYS HG3  H  N N 298 
LYS HD2  H  N N 299 
LYS HD3  H  N N 300 
LYS HE2  H  N N 301 
LYS HE3  H  N N 302 
LYS HZ1  H  N N 303 
LYS HZ2  H  N N 304 
LYS HZ3  H  N N 305 
LYS HXT  H  N N 306 
MET N    N  N N 307 
MET CA   C  N S 308 
MET C    C  N N 309 
MET O    O  N N 310 
MET CB   C  N N 311 
MET CG   C  N N 312 
MET SD   S  N N 313 
MET CE   C  N N 314 
MET OXT  O  N N 315 
MET H    H  N N 316 
MET H2   H  N N 317 
MET HA   H  N N 318 
MET HB2  H  N N 319 
MET HB3  H  N N 320 
MET HG2  H  N N 321 
MET HG3  H  N N 322 
MET HE1  H  N N 323 
MET HE2  H  N N 324 
MET HE3  H  N N 325 
MET HXT  H  N N 326 
NA  NA   NA N N 327 
PHE N    N  N N 328 
PHE CA   C  N S 329 
PHE C    C  N N 330 
PHE O    O  N N 331 
PHE CB   C  N N 332 
PHE CG   C  Y N 333 
PHE CD1  C  Y N 334 
PHE CD2  C  Y N 335 
PHE CE1  C  Y N 336 
PHE CE2  C  Y N 337 
PHE CZ   C  Y N 338 
PHE OXT  O  N N 339 
PHE H    H  N N 340 
PHE H2   H  N N 341 
PHE HA   H  N N 342 
PHE HB2  H  N N 343 
PHE HB3  H  N N 344 
PHE HD1  H  N N 345 
PHE HD2  H  N N 346 
PHE HE1  H  N N 347 
PHE HE2  H  N N 348 
PHE HZ   H  N N 349 
PHE HXT  H  N N 350 
PRO N    N  N N 351 
PRO CA   C  N S 352 
PRO C    C  N N 353 
PRO O    O  N N 354 
PRO CB   C  N N 355 
PRO CG   C  N N 356 
PRO CD   C  N N 357 
PRO OXT  O  N N 358 
PRO H    H  N N 359 
PRO HA   H  N N 360 
PRO HB2  H  N N 361 
PRO HB3  H  N N 362 
PRO HG2  H  N N 363 
PRO HG3  H  N N 364 
PRO HD2  H  N N 365 
PRO HD3  H  N N 366 
PRO HXT  H  N N 367 
SER N    N  N N 368 
SER CA   C  N S 369 
SER C    C  N N 370 
SER O    O  N N 371 
SER CB   C  N N 372 
SER OG   O  N N 373 
SER OXT  O  N N 374 
SER H    H  N N 375 
SER H2   H  N N 376 
SER HA   H  N N 377 
SER HB2  H  N N 378 
SER HB3  H  N N 379 
SER HG   H  N N 380 
SER HXT  H  N N 381 
THR N    N  N N 382 
THR CA   C  N S 383 
THR C    C  N N 384 
THR O    O  N N 385 
THR CB   C  N R 386 
THR OG1  O  N N 387 
THR CG2  C  N N 388 
THR OXT  O  N N 389 
THR H    H  N N 390 
THR H2   H  N N 391 
THR HA   H  N N 392 
THR HB   H  N N 393 
THR HG1  H  N N 394 
THR HG21 H  N N 395 
THR HG22 H  N N 396 
THR HG23 H  N N 397 
THR HXT  H  N N 398 
TRP N    N  N N 399 
TRP CA   C  N S 400 
TRP C    C  N N 401 
TRP O    O  N N 402 
TRP CB   C  N N 403 
TRP CG   C  Y N 404 
TRP CD1  C  Y N 405 
TRP CD2  C  Y N 406 
TRP NE1  N  Y N 407 
TRP CE2  C  Y N 408 
TRP CE3  C  Y N 409 
TRP CZ2  C  Y N 410 
TRP CZ3  C  Y N 411 
TRP CH2  C  Y N 412 
TRP OXT  O  N N 413 
TRP H    H  N N 414 
TRP H2   H  N N 415 
TRP HA   H  N N 416 
TRP HB2  H  N N 417 
TRP HB3  H  N N 418 
TRP HD1  H  N N 419 
TRP HE1  H  N N 420 
TRP HE3  H  N N 421 
TRP HZ2  H  N N 422 
TRP HZ3  H  N N 423 
TRP HH2  H  N N 424 
TRP HXT  H  N N 425 
TYR N    N  N N 426 
TYR CA   C  N S 427 
TYR C    C  N N 428 
TYR O    O  N N 429 
TYR CB   C  N N 430 
TYR CG   C  Y N 431 
TYR CD1  C  Y N 432 
TYR CD2  C  Y N 433 
TYR CE1  C  Y N 434 
TYR CE2  C  Y N 435 
TYR CZ   C  Y N 436 
TYR OH   O  N N 437 
TYR OXT  O  N N 438 
TYR H    H  N N 439 
TYR H2   H  N N 440 
TYR HA   H  N N 441 
TYR HB2  H  N N 442 
TYR HB3  H  N N 443 
TYR HD1  H  N N 444 
TYR HD2  H  N N 445 
TYR HE1  H  N N 446 
TYR HE2  H  N N 447 
TYR HH   H  N N 448 
TYR HXT  H  N N 449 
VAL N    N  N N 450 
VAL CA   C  N S 451 
VAL C    C  N N 452 
VAL O    O  N N 453 
VAL CB   C  N N 454 
VAL CG1  C  N N 455 
VAL CG2  C  N N 456 
VAL OXT  O  N N 457 
VAL H    H  N N 458 
VAL H2   H  N N 459 
VAL HA   H  N N 460 
VAL HB   H  N N 461 
VAL HG11 H  N N 462 
VAL HG12 H  N N 463 
VAL HG13 H  N N 464 
VAL HG21 H  N N 465 
VAL HG22 H  N N 466 
VAL HG23 H  N N 467 
VAL HXT  H  N N 468 
# 
loop_
_chem_comp_bond.comp_id 
_chem_comp_bond.atom_id_1 
_chem_comp_bond.atom_id_2 
_chem_comp_bond.value_order 
_chem_comp_bond.pdbx_aromatic_flag 
_chem_comp_bond.pdbx_stereo_config 
_chem_comp_bond.pdbx_ordinal 
ALA N   CA   sing N N 1   
ALA N   H    sing N N 2   
ALA N   H2   sing N N 3   
ALA CA  C    sing N N 4   
ALA CA  CB   sing N N 5   
ALA CA  HA   sing N N 6   
ALA C   O    doub N N 7   
ALA C   OXT  sing N N 8   
ALA CB  HB1  sing N N 9   
ALA CB  HB2  sing N N 10  
ALA CB  HB3  sing N N 11  
ALA OXT HXT  sing N N 12  
ARG N   CA   sing N N 13  
ARG N   H    sing N N 14  
ARG N   H2   sing N N 15  
ARG CA  C    sing N N 16  
ARG CA  CB   sing N N 17  
ARG CA  HA   sing N N 18  
ARG C   O    doub N N 19  
ARG C   OXT  sing N N 20  
ARG CB  CG   sing N N 21  
ARG CB  HB2  sing N N 22  
ARG CB  HB3  sing N N 23  
ARG CG  CD   sing N N 24  
ARG CG  HG2  sing N N 25  
ARG CG  HG3  sing N N 26  
ARG CD  NE   sing N N 27  
ARG CD  HD2  sing N N 28  
ARG CD  HD3  sing N N 29  
ARG NE  CZ   sing N N 30  
ARG NE  HE   sing N N 31  
ARG CZ  NH1  sing N N 32  
ARG CZ  NH2  doub N N 33  
ARG NH1 HH11 sing N N 34  
ARG NH1 HH12 sing N N 35  
ARG NH2 HH21 sing N N 36  
ARG NH2 HH22 sing N N 37  
ARG OXT HXT  sing N N 38  
ASN N   CA   sing N N 39  
ASN N   H    sing N N 40  
ASN N   H2   sing N N 41  
ASN CA  C    sing N N 42  
ASN CA  CB   sing N N 43  
ASN CA  HA   sing N N 44  
ASN C   O    doub N N 45  
ASN C   OXT  sing N N 46  
ASN CB  CG   sing N N 47  
ASN CB  HB2  sing N N 48  
ASN CB  HB3  sing N N 49  
ASN CG  OD1  doub N N 50  
ASN CG  ND2  sing N N 51  
ASN ND2 HD21 sing N N 52  
ASN ND2 HD22 sing N N 53  
ASN OXT HXT  sing N N 54  
ASP N   CA   sing N N 55  
ASP N   H    sing N N 56  
ASP N   H2   sing N N 57  
ASP CA  C    sing N N 58  
ASP CA  CB   sing N N 59  
ASP CA  HA   sing N N 60  
ASP C   O    doub N N 61  
ASP C   OXT  sing N N 62  
ASP CB  CG   sing N N 63  
ASP CB  HB2  sing N N 64  
ASP CB  HB3  sing N N 65  
ASP CG  OD1  doub N N 66  
ASP CG  OD2  sing N N 67  
ASP OD2 HD2  sing N N 68  
ASP OXT HXT  sing N N 69  
CYS N   CA   sing N N 70  
CYS N   H    sing N N 71  
CYS N   H2   sing N N 72  
CYS CA  C    sing N N 73  
CYS CA  CB   sing N N 74  
CYS CA  HA   sing N N 75  
CYS C   O    doub N N 76  
CYS C   OXT  sing N N 77  
CYS CB  SG   sing N N 78  
CYS CB  HB2  sing N N 79  
CYS CB  HB3  sing N N 80  
CYS SG  HG   sing N N 81  
CYS OXT HXT  sing N N 82  
GLN N   CA   sing N N 83  
GLN N   H    sing N N 84  
GLN N   H2   sing N N 85  
GLN CA  C    sing N N 86  
GLN CA  CB   sing N N 87  
GLN CA  HA   sing N N 88  
GLN C   O    doub N N 89  
GLN C   OXT  sing N N 90  
GLN CB  CG   sing N N 91  
GLN CB  HB2  sing N N 92  
GLN CB  HB3  sing N N 93  
GLN CG  CD   sing N N 94  
GLN CG  HG2  sing N N 95  
GLN CG  HG3  sing N N 96  
GLN CD  OE1  doub N N 97  
GLN CD  NE2  sing N N 98  
GLN NE2 HE21 sing N N 99  
GLN NE2 HE22 sing N N 100 
GLN OXT HXT  sing N N 101 
GLU N   CA   sing N N 102 
GLU N   H    sing N N 103 
GLU N   H2   sing N N 104 
GLU CA  C    sing N N 105 
GLU CA  CB   sing N N 106 
GLU CA  HA   sing N N 107 
GLU C   O    doub N N 108 
GLU C   OXT  sing N N 109 
GLU CB  CG   sing N N 110 
GLU CB  HB2  sing N N 111 
GLU CB  HB3  sing N N 112 
GLU CG  CD   sing N N 113 
GLU CG  HG2  sing N N 114 
GLU CG  HG3  sing N N 115 
GLU CD  OE1  doub N N 116 
GLU CD  OE2  sing N N 117 
GLU OE2 HE2  sing N N 118 
GLU OXT HXT  sing N N 119 
GLY N   CA   sing N N 120 
GLY N   H    sing N N 121 
GLY N   H2   sing N N 122 
GLY CA  C    sing N N 123 
GLY CA  HA2  sing N N 124 
GLY CA  HA3  sing N N 125 
GLY C   O    doub N N 126 
GLY C   OXT  sing N N 127 
GLY OXT HXT  sing N N 128 
HEC FE  NA   sing N N 129 
HEC FE  NB   sing N N 130 
HEC FE  NC   sing N N 131 
HEC FE  ND   sing N N 132 
HEC CHA C1A  doub N N 133 
HEC CHA C4D  sing N N 134 
HEC CHA HHA  sing N N 135 
HEC CHB C4A  doub N N 136 
HEC CHB C1B  sing N N 137 
HEC CHB HHB  sing N N 138 
HEC CHC C4B  doub N N 139 
HEC CHC C1C  sing N N 140 
HEC CHC HHC  sing N N 141 
HEC CHD C4C  doub N N 142 
HEC CHD C1D  sing N N 143 
HEC CHD HHD  sing N N 144 
HEC NA  C1A  sing Y N 145 
HEC NA  C4A  sing Y N 146 
HEC C1A C2A  sing Y N 147 
HEC C2A C3A  doub Y N 148 
HEC C2A CAA  sing N N 149 
HEC C3A C4A  sing Y N 150 
HEC C3A CMA  sing N N 151 
HEC CMA HMA1 sing N N 152 
HEC CMA HMA2 sing N N 153 
HEC CMA HMA3 sing N N 154 
HEC CAA CBA  sing N N 155 
HEC CAA HAA1 sing N N 156 
HEC CAA HAA2 sing N N 157 
HEC CBA CGA  sing N N 158 
HEC CBA HBA1 sing N N 159 
HEC CBA HBA2 sing N N 160 
HEC CGA O1A  doub N N 161 
HEC CGA O2A  sing N N 162 
HEC O2A H2A  sing N N 163 
HEC NB  C1B  sing Y N 164 
HEC NB  C4B  sing Y N 165 
HEC C1B C2B  doub Y N 166 
HEC C2B C3B  sing Y N 167 
HEC C2B CMB  sing N N 168 
HEC C3B C4B  sing Y N 169 
HEC C3B CAB  doub N E 170 
HEC CMB HMB1 sing N N 171 
HEC CMB HMB2 sing N N 172 
HEC CMB HMB3 sing N N 173 
HEC CAB CBB  sing N N 174 
HEC CAB HAB  sing N N 175 
HEC CBB HBB1 sing N N 176 
HEC CBB HBB2 sing N N 177 
HEC CBB HBB3 sing N N 178 
HEC NC  C1C  sing Y N 179 
HEC NC  C4C  sing Y N 180 
HEC C1C C2C  doub Y N 181 
HEC C2C C3C  sing Y N 182 
HEC C2C CMC  sing N N 183 
HEC C3C C4C  sing Y N 184 
HEC C3C CAC  doub N E 185 
HEC CMC HMC1 sing N N 186 
HEC CMC HMC2 sing N N 187 
HEC CMC HMC3 sing N N 188 
HEC CAC CBC  sing N N 189 
HEC CAC HAC  sing N N 190 
HEC CBC HBC1 sing N N 191 
HEC CBC HBC2 sing N N 192 
HEC CBC HBC3 sing N N 193 
HEC ND  C1D  sing Y N 194 
HEC ND  C4D  sing Y N 195 
HEC C1D C2D  doub Y N 196 
HEC C2D C3D  sing Y N 197 
HEC C2D CMD  sing N N 198 
HEC C3D C4D  doub Y N 199 
HEC C3D CAD  sing N N 200 
HEC CMD HMD1 sing N N 201 
HEC CMD HMD2 sing N N 202 
HEC CMD HMD3 sing N N 203 
HEC CAD CBD  sing N N 204 
HEC CAD HAD1 sing N N 205 
HEC CAD HAD2 sing N N 206 
HEC CBD CGD  sing N N 207 
HEC CBD HBD1 sing N N 208 
HEC CBD HBD2 sing N N 209 
HEC CGD O1D  doub N N 210 
HEC CGD O2D  sing N N 211 
HEC O2D H2D  sing N N 212 
HIS N   CA   sing N N 213 
HIS N   H    sing N N 214 
HIS N   H2   sing N N 215 
HIS CA  C    sing N N 216 
HIS CA  CB   sing N N 217 
HIS CA  HA   sing N N 218 
HIS C   O    doub N N 219 
HIS C   OXT  sing N N 220 
HIS CB  CG   sing N N 221 
HIS CB  HB2  sing N N 222 
HIS CB  HB3  sing N N 223 
HIS CG  ND1  sing Y N 224 
HIS CG  CD2  doub Y N 225 
HIS ND1 CE1  doub Y N 226 
HIS ND1 HD1  sing N N 227 
HIS CD2 NE2  sing Y N 228 
HIS CD2 HD2  sing N N 229 
HIS CE1 NE2  sing Y N 230 
HIS CE1 HE1  sing N N 231 
HIS NE2 HE2  sing N N 232 
HIS OXT HXT  sing N N 233 
HOH O   H1   sing N N 234 
HOH O   H2   sing N N 235 
ILE N   CA   sing N N 236 
ILE N   H    sing N N 237 
ILE N   H2   sing N N 238 
ILE CA  C    sing N N 239 
ILE CA  CB   sing N N 240 
ILE CA  HA   sing N N 241 
ILE C   O    doub N N 242 
ILE C   OXT  sing N N 243 
ILE CB  CG1  sing N N 244 
ILE CB  CG2  sing N N 245 
ILE CB  HB   sing N N 246 
ILE CG1 CD1  sing N N 247 
ILE CG1 HG12 sing N N 248 
ILE CG1 HG13 sing N N 249 
ILE CG2 HG21 sing N N 250 
ILE CG2 HG22 sing N N 251 
ILE CG2 HG23 sing N N 252 
ILE CD1 HD11 sing N N 253 
ILE CD1 HD12 sing N N 254 
ILE CD1 HD13 sing N N 255 
ILE OXT HXT  sing N N 256 
LEU N   CA   sing N N 257 
LEU N   H    sing N N 258 
LEU N   H2   sing N N 259 
LEU CA  C    sing N N 260 
LEU CA  CB   sing N N 261 
LEU CA  HA   sing N N 262 
LEU C   O    doub N N 263 
LEU C   OXT  sing N N 264 
LEU CB  CG   sing N N 265 
LEU CB  HB2  sing N N 266 
LEU CB  HB3  sing N N 267 
LEU CG  CD1  sing N N 268 
LEU CG  CD2  sing N N 269 
LEU CG  HG   sing N N 270 
LEU CD1 HD11 sing N N 271 
LEU CD1 HD12 sing N N 272 
LEU CD1 HD13 sing N N 273 
LEU CD2 HD21 sing N N 274 
LEU CD2 HD22 sing N N 275 
LEU CD2 HD23 sing N N 276 
LEU OXT HXT  sing N N 277 
LYS N   CA   sing N N 278 
LYS N   H    sing N N 279 
LYS N   H2   sing N N 280 
LYS CA  C    sing N N 281 
LYS CA  CB   sing N N 282 
LYS CA  HA   sing N N 283 
LYS C   O    doub N N 284 
LYS C   OXT  sing N N 285 
LYS CB  CG   sing N N 286 
LYS CB  HB2  sing N N 287 
LYS CB  HB3  sing N N 288 
LYS CG  CD   sing N N 289 
LYS CG  HG2  sing N N 290 
LYS CG  HG3  sing N N 291 
LYS CD  CE   sing N N 292 
LYS CD  HD2  sing N N 293 
LYS CD  HD3  sing N N 294 
LYS CE  NZ   sing N N 295 
LYS CE  HE2  sing N N 296 
LYS CE  HE3  sing N N 297 
LYS NZ  HZ1  sing N N 298 
LYS NZ  HZ2  sing N N 299 
LYS NZ  HZ3  sing N N 300 
LYS OXT HXT  sing N N 301 
MET N   CA   sing N N 302 
MET N   H    sing N N 303 
MET N   H2   sing N N 304 
MET CA  C    sing N N 305 
MET CA  CB   sing N N 306 
MET CA  HA   sing N N 307 
MET C   O    doub N N 308 
MET C   OXT  sing N N 309 
MET CB  CG   sing N N 310 
MET CB  HB2  sing N N 311 
MET CB  HB3  sing N N 312 
MET CG  SD   sing N N 313 
MET CG  HG2  sing N N 314 
MET CG  HG3  sing N N 315 
MET SD  CE   sing N N 316 
MET CE  HE1  sing N N 317 
MET CE  HE2  sing N N 318 
MET CE  HE3  sing N N 319 
MET OXT HXT  sing N N 320 
PHE N   CA   sing N N 321 
PHE N   H    sing N N 322 
PHE N   H2   sing N N 323 
PHE CA  C    sing N N 324 
PHE CA  CB   sing N N 325 
PHE CA  HA   sing N N 326 
PHE C   O    doub N N 327 
PHE C   OXT  sing N N 328 
PHE CB  CG   sing N N 329 
PHE CB  HB2  sing N N 330 
PHE CB  HB3  sing N N 331 
PHE CG  CD1  doub Y N 332 
PHE CG  CD2  sing Y N 333 
PHE CD1 CE1  sing Y N 334 
PHE CD1 HD1  sing N N 335 
PHE CD2 CE2  doub Y N 336 
PHE CD2 HD2  sing N N 337 
PHE CE1 CZ   doub Y N 338 
PHE CE1 HE1  sing N N 339 
PHE CE2 CZ   sing Y N 340 
PHE CE2 HE2  sing N N 341 
PHE CZ  HZ   sing N N 342 
PHE OXT HXT  sing N N 343 
PRO N   CA   sing N N 344 
PRO N   CD   sing N N 345 
PRO N   H    sing N N 346 
PRO CA  C    sing N N 347 
PRO CA  CB   sing N N 348 
PRO CA  HA   sing N N 349 
PRO C   O    doub N N 350 
PRO C   OXT  sing N N 351 
PRO CB  CG   sing N N 352 
PRO CB  HB2  sing N N 353 
PRO CB  HB3  sing N N 354 
PRO CG  CD   sing N N 355 
PRO CG  HG2  sing N N 356 
PRO CG  HG3  sing N N 357 
PRO CD  HD2  sing N N 358 
PRO CD  HD3  sing N N 359 
PRO OXT HXT  sing N N 360 
SER N   CA   sing N N 361 
SER N   H    sing N N 362 
SER N   H2   sing N N 363 
SER CA  C    sing N N 364 
SER CA  CB   sing N N 365 
SER CA  HA   sing N N 366 
SER C   O    doub N N 367 
SER C   OXT  sing N N 368 
SER CB  OG   sing N N 369 
SER CB  HB2  sing N N 370 
SER CB  HB3  sing N N 371 
SER OG  HG   sing N N 372 
SER OXT HXT  sing N N 373 
THR N   CA   sing N N 374 
THR N   H    sing N N 375 
THR N   H2   sing N N 376 
THR CA  C    sing N N 377 
THR CA  CB   sing N N 378 
THR CA  HA   sing N N 379 
THR C   O    doub N N 380 
THR C   OXT  sing N N 381 
THR CB  OG1  sing N N 382 
THR CB  CG2  sing N N 383 
THR CB  HB   sing N N 384 
THR OG1 HG1  sing N N 385 
THR CG2 HG21 sing N N 386 
THR CG2 HG22 sing N N 387 
THR CG2 HG23 sing N N 388 
THR OXT HXT  sing N N 389 
TRP N   CA   sing N N 390 
TRP N   H    sing N N 391 
TRP N   H2   sing N N 392 
TRP CA  C    sing N N 393 
TRP CA  CB   sing N N 394 
TRP CA  HA   sing N N 395 
TRP C   O    doub N N 396 
TRP C   OXT  sing N N 397 
TRP CB  CG   sing N N 398 
TRP CB  HB2  sing N N 399 
TRP CB  HB3  sing N N 400 
TRP CG  CD1  doub Y N 401 
TRP CG  CD2  sing Y N 402 
TRP CD1 NE1  sing Y N 403 
TRP CD1 HD1  sing N N 404 
TRP CD2 CE2  doub Y N 405 
TRP CD2 CE3  sing Y N 406 
TRP NE1 CE2  sing Y N 407 
TRP NE1 HE1  sing N N 408 
TRP CE2 CZ2  sing Y N 409 
TRP CE3 CZ3  doub Y N 410 
TRP CE3 HE3  sing N N 411 
TRP CZ2 CH2  doub Y N 412 
TRP CZ2 HZ2  sing N N 413 
TRP CZ3 CH2  sing Y N 414 
TRP CZ3 HZ3  sing N N 415 
TRP CH2 HH2  sing N N 416 
TRP OXT HXT  sing N N 417 
TYR N   CA   sing N N 418 
TYR N   H    sing N N 419 
TYR N   H2   sing N N 420 
TYR CA  C    sing N N 421 
TYR CA  CB   sing N N 422 
TYR CA  HA   sing N N 423 
TYR C   O    doub N N 424 
TYR C   OXT  sing N N 425 
TYR CB  CG   sing N N 426 
TYR CB  HB2  sing N N 427 
TYR CB  HB3  sing N N 428 
TYR CG  CD1  doub Y N 429 
TYR CG  CD2  sing Y N 430 
TYR CD1 CE1  sing Y N 431 
TYR CD1 HD1  sing N N 432 
TYR CD2 CE2  doub Y N 433 
TYR CD2 HD2  sing N N 434 
TYR CE1 CZ   doub Y N 435 
TYR CE1 HE1  sing N N 436 
TYR CE2 CZ   sing Y N 437 
TYR CE2 HE2  sing N N 438 
TYR CZ  OH   sing N N 439 
TYR OH  HH   sing N N 440 
TYR OXT HXT  sing N N 441 
VAL N   CA   sing N N 442 
VAL N   H    sing N N 443 
VAL N   H2   sing N N 444 
VAL CA  C    sing N N 445 
VAL CA  CB   sing N N 446 
VAL CA  HA   sing N N 447 
VAL C   O    doub N N 448 
VAL C   OXT  sing N N 449 
VAL CB  CG1  sing N N 450 
VAL CB  CG2  sing N N 451 
VAL CB  HB   sing N N 452 
VAL CG1 HG11 sing N N 453 
VAL CG1 HG12 sing N N 454 
VAL CG1 HG13 sing N N 455 
VAL CG2 HG21 sing N N 456 
VAL CG2 HG22 sing N N 457 
VAL CG2 HG23 sing N N 458 
VAL OXT HXT  sing N N 459 
# 
_pdbx_audit_support.funding_organization   'Biotechnology and Biological Sciences Research Council (BBSRC)' 
_pdbx_audit_support.country                'United Kingdom' 
_pdbx_audit_support.grant_number           BB/T008717/1 
_pdbx_audit_support.ordinal                1 
# 
_atom_sites.entry_id                    8QJ6 
_atom_sites.Cartn_transf_matrix[1][1]   ? 
_atom_sites.Cartn_transf_matrix[1][2]   ? 
_atom_sites.Cartn_transf_matrix[1][3]   ? 
_atom_sites.Cartn_transf_matrix[2][1]   ? 
_atom_sites.Cartn_transf_matrix[2][2]   ? 
_atom_sites.Cartn_transf_matrix[2][3]   ? 
_atom_sites.Cartn_transf_matrix[3][1]   ? 
_atom_sites.Cartn_transf_matrix[3][2]   ? 
_atom_sites.Cartn_transf_matrix[3][3]   ? 
_atom_sites.Cartn_transf_vector[1]      ? 
_atom_sites.Cartn_transf_vector[2]      ? 
_atom_sites.Cartn_transf_vector[3]      ? 
_atom_sites.Cartn_transform_axes        ? 
_atom_sites.fract_transf_matrix[1][1]   0.00720339 
_atom_sites.fract_transf_matrix[1][2]   0.00655836 
_atom_sites.fract_transf_matrix[1][3]   0.01089349 
_atom_sites.fract_transf_matrix[2][1]   -0.00201786 
_atom_sites.fract_transf_matrix[2][2]   0.01295105 
_atom_sites.fract_transf_matrix[2][3]   -0.00646278 
_atom_sites.fract_transf_matrix[3][1]   -0.03103420 
_atom_sites.fract_transf_matrix[3][2]   0.00415651 
_atom_sites.fract_transf_matrix[3][3]   0.01801915 
_atom_sites.fract_transf_vector[1]      0.320978 
_atom_sites.fract_transf_vector[2]      -0.140851 
_atom_sites.fract_transf_vector[3]      -0.355162 
_atom_sites.solution_primary            ? 
_atom_sites.solution_secondary          ? 
_atom_sites.solution_hydrogens          ? 
_atom_sites.special_details             ? 
# 
loop_
_atom_type.symbol 
C  
FE 
N  
NA 
O  
S  
# 
loop_
_atom_site.group_PDB 
_atom_site.id 
_atom_site.type_symbol 
_atom_site.label_atom_id 
_atom_site.label_alt_id 
_atom_site.label_comp_id 
_atom_site.label_asym_id 
_atom_site.label_entity_id 
_atom_site.label_seq_id 
_atom_site.pdbx_PDB_ins_code 
_atom_site.Cartn_x 
_atom_site.Cartn_y 
_atom_site.Cartn_z 
_atom_site.occupancy 
_atom_site.B_iso_or_equiv 
_atom_site.pdbx_formal_charge 
_atom_site.auth_seq_id 
_atom_site.auth_comp_id 
_atom_site.auth_asym_id 
_atom_site.auth_atom_id 
_atom_site.pdbx_PDB_model_num 
ATOM   1   N  N   . ALA A 1 22 ? 14.404  -7.598  -5.281  1.00 16.43 ?  1   ALA A N   1 
ATOM   2   C  CA  . ALA A 1 22 ? 14.245  -6.169  -5.552  1.00 16.20 ?  1   ALA A CA  1 
ATOM   3   C  C   . ALA A 1 22 ? 13.098  -5.547  -4.757  1.00 21.39 ?  1   ALA A C   1 
ATOM   4   O  O   . ALA A 1 22 ? 13.190  -4.396  -4.335  1.00 22.37 ?  1   ALA A O   1 
ATOM   5   C  CB  . ALA A 1 22 ? 14.026  -5.935  -7.033  1.00 17.68 ?  1   ALA A CB  1 
ATOM   6   N  N   . ASP A 1 23 ? 12.020  -6.311  -4.558  1.00 20.25 ?  2   ASP A N   1 
ATOM   7   C  CA  . ASP A 1 23 ? 10.829  -5.775  -3.909  1.00 17.82 ?  2   ASP A CA  1 
ATOM   8   C  C   . ASP A 1 23 ? 10.995  -5.633  -2.402  1.00 22.50 ?  2   ASP A C   1 
ATOM   9   O  O   . ASP A 1 23 ? 10.163  -4.987  -1.755  1.00 22.08 ?  2   ASP A O   1 
ATOM   10  C  CB  . ASP A 1 23 ? 9.623   -6.677  -4.185  1.00 16.68 ?  2   ASP A CB  1 
ATOM   11  C  CG  . ASP A 1 23 ? 9.120   -6.582  -5.614  1.00 23.20 ?  2   ASP A CG  1 
ATOM   12  O  OD1 . ASP A 1 23 ? 9.411   -5.568  -6.302  1.00 20.34 ?  2   ASP A OD1 1 
ATOM   13  O  OD2 . ASP A 1 23 ? 8.424   -7.546  -6.044  1.00 19.83 -1 2   ASP A OD2 1 
ATOM   14  N  N   . GLY A 1 24 ? 12.027  -6.245  -1.820  1.00 19.01 ?  3   GLY A N   1 
ATOM   15  C  CA  . GLY A 1 24 ? 12.124  -6.200  -0.381  1.00 16.31 ?  3   GLY A CA  1 
ATOM   16  C  C   . GLY A 1 24 ? 11.069  -7.077  0.263   1.00 22.16 ?  3   GLY A C   1 
ATOM   17  O  O   . GLY A 1 24 ? 10.570  -8.046  -0.328  1.00 22.15 ?  3   GLY A O   1 
ATOM   18  N  N   . ASP A 1 25 ? 10.708  -6.723  1.495   1.00 17.99 ?  4   ASP A N   1 
ATOM   19  C  CA  . ASP A 1 25 ? 9.720   -7.483  2.246   1.00 15.41 ?  4   ASP A CA  1 
ATOM   20  C  C   . ASP A 1 25 ? 8.439   -6.691  2.450   1.00 14.78 ?  4   ASP A C   1 
ATOM   21  O  O   . ASP A 1 25 ? 7.598   -7.089  3.260   1.00 20.04 ?  4   ASP A O   1 
ATOM   22  C  CB  . ASP A 1 25 ? 10.294  -7.919  3.595   1.00 19.64 ?  4   ASP A CB  1 
ATOM   23  C  CG  . ASP A 1 25 ? 10.591  -6.748  4.517   1.00 21.09 ?  4   ASP A CG  1 
ATOM   24  O  OD1 . ASP A 1 25 ? 10.313  -5.592  4.145   1.00 16.98 ?  4   ASP A OD1 1 
ATOM   25  O  OD2 . ASP A 1 25 ? 11.109  -6.986  5.624   1.00 21.72 -1 4   ASP A OD2 1 
ATOM   26  N  N   . GLY A 1 26 ? 8.289   -5.560  1.752   1.00 16.33 ?  5   GLY A N   1 
ATOM   27  C  CA  . GLY A 1 26 ? 7.151   -4.687  1.889   1.00 14.48 ?  5   GLY A CA  1 
ATOM   28  C  C   . GLY A 1 26 ? 7.420   -3.425  2.685   1.00 15.76 ?  5   GLY A C   1 
ATOM   29  O  O   . GLY A 1 26 ? 6.719   -2.421  2.491   1.00 14.44 ?  5   GLY A O   1 
ATOM   30  N  N   . GLN A 1 27 ? 8.419   -3.445  3.567   1.00 13.73 ?  6   GLN A N   1 
ATOM   31  C  CA  . GLN A 1 27 ? 8.641   -2.294  4.437   1.00 12.96 ?  6   GLN A CA  1 
ATOM   32  C  C   . GLN A 1 27 ? 9.116   -1.072  3.649   1.00 12.65 ?  6   GLN A C   1 
ATOM   33  O  O   . GLN A 1 27 ? 8.627   0.047   3.869   1.00 14.69 ?  6   GLN A O   1 
ATOM   34  C  CB  . GLN A 1 27 ? 9.639   -2.660  5.531   1.00 11.81 ?  6   GLN A CB  1 
ATOM   35  C  CG  . GLN A 1 27 ? 9.113   -3.696  6.493   1.00 13.39 ?  6   GLN A CG  1 
ATOM   36  C  CD  . GLN A 1 27 ? 10.043  -3.906  7.667   1.00 14.33 ?  6   GLN A CD  1 
ATOM   37  O  OE1 . GLN A 1 27 ? 10.028  -3.144  8.629   1.00 15.90 ?  6   GLN A OE1 1 
ATOM   38  N  NE2 . GLN A 1 27 ? 10.830  -4.972  7.616   1.00 15.59 ?  6   GLN A NE2 1 
ATOM   39  N  N   . GLY A 1 28 ? 10.063  -1.256  2.727   1.00 12.30 ?  7   GLY A N   1 
ATOM   40  C  CA  . GLY A 1 28 ? 10.493  -0.136  1.908   1.00 11.25 ?  7   GLY A CA  1 
ATOM   41  C  C   . GLY A 1 28 ? 9.394   0.357   0.987   1.00 14.25 ?  7   GLY A C   1 
ATOM   42  O  O   . GLY A 1 28 ? 9.218   1.565   0.793   1.00 12.24 ?  7   GLY A O   1 
ATOM   43  N  N   . LEU A 1 29 ? 8.631   -0.575  0.411   1.00 11.97 ?  8   LEU A N   1 
ATOM   44  C  CA  . LEU A 1 29 ? 7.533   -0.188  -0.461  1.00 12.32 ?  8   LEU A CA  1 
ATOM   45  C  C   . LEU A 1 29 ? 6.498   0.637   0.292   1.00 10.85 ?  8   LEU A C   1 
ATOM   46  O  O   . LEU A 1 29 ? 5.983   1.629   -0.236  1.00 11.20 ?  8   LEU A O   1 
ATOM   47  C  CB  . LEU A 1 29 ? 6.883   -1.435  -1.052  1.00 12.90 ?  8   LEU A CB  1 
ATOM   48  C  CG  . LEU A 1 29 ? 7.596   -2.082  -2.229  1.00 14.08 ?  8   LEU A CG  1 
ATOM   49  C  CD1 . LEU A 1 29 ? 7.064   -3.514  -2.413  1.00 12.43 ?  8   LEU A CD1 1 
ATOM   50  C  CD2 . LEU A 1 29 ? 7.414   -1.249  -3.478  1.00 17.72 ?  8   LEU A CD2 1 
ATOM   51  N  N   . TYR A 1 30 ? 6.167   0.233   1.517   1.00 12.05 ?  9   TYR A N   1 
ATOM   52  C  CA  . TYR A 1 30 ? 5.194   1.009   2.269   1.00 11.63 ?  9   TYR A CA  1 
ATOM   53  C  C   . TYR A 1 30 ? 5.744   2.391   2.608   1.00 12.95 ?  9   TYR A C   1 
ATOM   54  O  O   . TYR A 1 30 ? 5.036   3.401   2.507   1.00 11.32 ?  9   TYR A O   1 
ATOM   55  C  CB  . TYR A 1 30 ? 4.769   0.254   3.545   1.00 11.14 ?  9   TYR A CB  1 
ATOM   56  C  CG  . TYR A 1 30 ? 3.807   1.084   4.371   1.00 10.55 ?  9   TYR A CG  1 
ATOM   57  C  CD1 . TYR A 1 30 ? 4.270   2.035   5.288   1.00 10.73 ?  9   TYR A CD1 1 
ATOM   58  C  CD2 . TYR A 1 30 ? 2.433   0.986   4.166   1.00 10.41 ?  9   TYR A CD2 1 
ATOM   59  C  CE1 . TYR A 1 30 ? 3.399   2.836   5.985   1.00 12.98 ?  9   TYR A CE1 1 
ATOM   60  C  CE2 . TYR A 1 30 ? 1.549   1.788   4.874   1.00 10.06 ?  9   TYR A CE2 1 
ATOM   61  C  CZ  . TYR A 1 30 ? 2.045   2.706   5.771   1.00 10.40 ?  9   TYR A CZ  1 
ATOM   62  O  OH  . TYR A 1 30 ? 1.170   3.501   6.452   1.00 10.98 ?  9   TYR A OH  1 
ATOM   63  N  N   . ALA A 1 31 ? 7.003   2.452   3.037   1.00 12.47 ?  10  ALA A N   1 
ATOM   64  C  CA  . ALA A 1 31 ? 7.571   3.734   3.442   1.00 11.60 ?  10  ALA A CA  1 
ATOM   65  C  C   . ALA A 1 31 ? 7.624   4.718   2.282   1.00 12.24 ?  10  ALA A C   1 
ATOM   66  O  O   . ALA A 1 31 ? 7.349   5.915   2.456   1.00 14.42 ?  10  ALA A O   1 
ATOM   67  C  CB  . ALA A 1 31 ? 8.965   3.505   4.018   1.00 10.85 ?  10  ALA A CB  1 
ATOM   68  N  N   . ALA A 1 32 ? 7.960   4.230   1.086   1.00 13.15 ?  11  ALA A N   1 
ATOM   69  C  CA  . ALA A 1 32 ? 8.145   5.110   -0.060  1.00 13.70 ?  11  ALA A CA  1 
ATOM   70  C  C   . ALA A 1 32 ? 6.825   5.547   -0.680  1.00 14.20 ?  11  ALA A C   1 
ATOM   71  O  O   . ALA A 1 32 ? 6.736   6.657   -1.216  1.00 16.07 ?  11  ALA A O   1 
ATOM   72  C  CB  . ALA A 1 32 ? 9.011   4.417   -1.109  1.00 15.01 ?  11  ALA A CB  1 
ATOM   73  N  N   . ASN A 1 33 ? 5.787   4.711   -0.594  1.00 11.65 ?  12  ASN A N   1 
ATOM   74  C  CA  . ASN A 1 33 ? 4.563   4.921   -1.352  1.00 13.90 ?  12  ASN A CA  1 
ATOM   75  C  C   . ASN A 1 33 ? 3.336   5.240   -0.512  1.00 12.42 ?  12  ASN A C   1 
ATOM   76  O  O   . ASN A 1 33 ? 2.343   5.721   -1.077  1.00 12.95 ?  12  ASN A O   1 
ATOM   77  C  CB  . ASN A 1 33 ? 4.263   3.680   -2.203  1.00 12.38 ?  12  ASN A CB  1 
ATOM   78  C  CG  . ASN A 1 33 ? 5.329   3.436   -3.247  1.00 13.12 ?  12  ASN A CG  1 
ATOM   79  O  OD1 . ASN A 1 33 ? 5.466   4.211   -4.194  1.00 18.68 ?  12  ASN A OD1 1 
ATOM   80  N  ND2 . ASN A 1 33 ? 6.128   2.397   -3.049  1.00 17.23 ?  12  ASN A ND2 1 
ATOM   81  N  N   . CYS A 1 34 ? 3.374   5.014   0.814   1.00 12.43 ?  13  CYS A N   1 
ATOM   82  C  CA  . CYS A 1 34 ? 2.148   5.098   1.608   1.00 10.07 ?  13  CYS A CA  1 
ATOM   83  C  C   . CYS A 1 34 ? 2.288   5.924   2.876   1.00 11.57 ?  13  CYS A C   1 
ATOM   84  O  O   . CYS A 1 34 ? 1.321   6.564   3.294   1.00 12.89 ?  13  CYS A O   1 
ATOM   85  C  CB  . CYS A 1 34 ? 1.703   3.700   2.032   1.00 8.79  ?  13  CYS A CB  1 
ATOM   86  S  SG  . CYS A 1 34 ? 1.743   2.440   0.756   1.00 11.12 ?  13  CYS A SG  1 
ATOM   87  N  N   . ALA A 1 35 ? 3.456   5.887   3.525   1.00 11.00 ?  14  ALA A N   1 
ATOM   88  C  CA  . ALA A 1 35 ? 3.575   6.411   4.889   1.00 10.77 ?  14  ALA A CA  1 
ATOM   89  C  C   . ALA A 1 35 ? 3.260   7.898   4.972   1.00 13.12 ?  14  ALA A C   1 
ATOM   90  O  O   . ALA A 1 35 ? 2.733   8.361   5.987   1.00 14.17 ?  14  ALA A O   1 
ATOM   91  C  CB  . ALA A 1 35 ? 4.982   6.139   5.423   1.00 12.65 ?  14  ALA A CB  1 
ATOM   92  N  N   . ALA A 1 36 ? 3.584   8.663   3.932   1.00 13.59 ?  15  ALA A N   1 
ATOM   93  C  CA  . ALA A 1 36 ? 3.347   10.101  3.977   1.00 14.96 ?  15  ALA A CA  1 
ATOM   94  C  C   . ALA A 1 36 ? 1.886   10.436  4.241   1.00 17.58 ?  15  ALA A C   1 
ATOM   95  O  O   . ALA A 1 36 ? 1.587   11.468  4.848   1.00 18.79 ?  15  ALA A O   1 
ATOM   96  C  CB  . ALA A 1 36 ? 3.792   10.738  2.665   1.00 15.78 ?  15  ALA A CB  1 
ATOM   97  N  N   . CYS A 1 37 ? 0.962   9.587   3.794   1.00 13.46 ?  16  CYS A N   1 
ATOM   98  C  CA  . CYS A 1 37 ? -0.458  9.850   3.968   1.00 11.59 ?  16  CYS A CA  1 
ATOM   99  C  C   . CYS A 1 37 ? -1.122  8.975   5.016   1.00 15.13 ?  16  CYS A C   1 
ATOM   100 O  O   . CYS A 1 37 ? -2.135  9.387   5.586   1.00 14.86 ?  16  CYS A O   1 
ATOM   101 C  CB  . CYS A 1 37 ? -1.206  9.655   2.644   1.00 13.07 ?  16  CYS A CB  1 
ATOM   102 S  SG  . CYS A 1 37 ? -0.684  10.761  1.303   1.00 14.65 ?  16  CYS A SG  1 
ATOM   103 N  N   . HIS A 1 38 ? -0.593  7.781   5.292   1.00 11.37 ?  17  HIS A N   1 
ATOM   104 C  CA  . HIS A 1 38 ? -1.273  6.884   6.222   1.00 10.22 ?  17  HIS A CA  1 
ATOM   105 C  C   . HIS A 1 38 ? -0.462  6.565   7.472   1.00 9.51  ?  17  HIS A C   1 
ATOM   106 O  O   . HIS A 1 38 ? -0.906  5.744   8.284   1.00 12.23 ?  17  HIS A O   1 
ATOM   107 C  CB  . HIS A 1 38 ? -1.656  5.581   5.512   1.00 11.66 ?  17  HIS A CB  1 
ATOM   108 C  CG  . HIS A 1 38 ? -2.659  5.760   4.417   1.00 10.32 ?  17  HIS A CG  1 
ATOM   109 N  ND1 . HIS A 1 38 ? -3.891  6.344   4.619   1.00 11.13 ?  17  HIS A ND1 1 
ATOM   110 C  CD2 . HIS A 1 38 ? -2.607  5.432   3.104   1.00 8.79  ?  17  HIS A CD2 1 
ATOM   111 C  CE1 . HIS A 1 38 ? -4.557  6.361   3.477   1.00 10.36 ?  17  HIS A CE1 1 
ATOM   112 N  NE2 . HIS A 1 38 ? -3.809  5.800   2.545   1.00 10.96 ?  17  HIS A NE2 1 
ATOM   113 N  N   . GLY A 1 39 ? 0.689   7.201   7.664   1.00 11.42 ?  18  GLY A N   1 
ATOM   114 C  CA  . GLY A 1 39 ? 1.493   7.062   8.858   1.00 12.79 ?  18  GLY A CA  1 
ATOM   115 C  C   . GLY A 1 39 ? 2.610   6.047   8.694   1.00 11.96 ?  18  GLY A C   1 
ATOM   116 O  O   . GLY A 1 39 ? 2.578   5.169   7.829   1.00 13.86 ?  18  GLY A O   1 
ATOM   117 N  N   . ALA A 1 40 ? 3.618   6.169   9.558   1.00 13.56 ?  19  ALA A N   1 
ATOM   118 C  CA  . ALA A 1 40 ? 4.681   5.179   9.601   1.00 13.73 ?  19  ALA A CA  1 
ATOM   119 C  C   . ALA A 1 40 ? 4.091   3.792   9.804   1.00 12.46 ?  19  ALA A C   1 
ATOM   120 O  O   . ALA A 1 40 ? 3.064   3.622   10.462  1.00 13.57 ?  19  ALA A O   1 
ATOM   121 C  CB  . ALA A 1 40 ? 5.664   5.492   10.724  1.00 16.14 ?  19  ALA A CB  1 
ATOM   122 N  N   . LEU A 1 41 ? 4.742   2.792   9.205   1.00 11.73 ?  20  LEU A N   1 
ATOM   123 C  CA  . LEU A 1 41 ? 4.208   1.433   9.214   1.00 10.26 ?  20  LEU A CA  1 
ATOM   124 C  C   . LEU A 1 41 ? 3.843   0.968   10.619  1.00 12.90 ?  20  LEU A C   1 
ATOM   125 O  O   . LEU A 1 41 ? 2.788   0.354   10.827  1.00 13.46 ?  20  LEU A O   1 
ATOM   126 C  CB  . LEU A 1 41 ? 5.219   0.484   8.575   1.00 12.45 ?  20  LEU A CB  1 
ATOM   127 C  CG  . LEU A 1 41 ? 4.832   -0.991  8.519   1.00 13.96 ?  20  LEU A CG  1 
ATOM   128 C  CD1 . LEU A 1 41 ? 3.529   -1.203  7.744   1.00 13.27 ?  20  LEU A CD1 1 
ATOM   129 C  CD2 . LEU A 1 41 ? 5.970   -1.787  7.897   1.00 14.19 ?  20  LEU A CD2 1 
ATOM   130 N  N   . ALA A 1 42 ? 4.687   1.275   11.603  1.00 12.50 ?  21  ALA A N   1 
ATOM   131 C  CA  . ALA A 1 42 ? 4.445   0.773   12.951  1.00 14.31 ?  21  ALA A CA  1 
ATOM   132 C  C   . ALA A 1 42 ? 3.152   1.318   13.536  1.00 14.31 ?  21  ALA A C   1 
ATOM   133 O  O   . ALA A 1 42 ? 2.557   0.686   14.417  1.00 14.51 ?  21  ALA A O   1 
ATOM   134 C  CB  . ALA A 1 42 ? 5.633   1.114   13.852  1.00 14.31 ?  21  ALA A CB  1 
ATOM   135 N  N   . THR A 1 43 ? 2.685   2.473   13.060  1.00 13.85 ?  22  THR A N   1 
ATOM   136 C  CA  . THR A 1 43 ? 1.428   3.037   13.548  1.00 14.70 ?  22  THR A CA  1 
ATOM   137 C  C   . THR A 1 43 ? 0.496   3.363   12.390  1.00 12.95 ?  22  THR A C   1 
ATOM   138 O  O   . THR A 1 43 ? -0.262  4.337   12.441  1.00 14.89 ?  22  THR A O   1 
ATOM   139 C  CB  . THR A 1 43 ? 1.685   4.277   14.404  1.00 15.17 ?  22  THR A CB  1 
ATOM   140 O  OG1 . THR A 1 43 ? 2.502   5.205   13.669  1.00 18.83 ?  22  THR A OG1 1 
ATOM   141 C  CG2 . THR A 1 43 ? 2.394   3.899   15.704  1.00 16.33 ?  22  THR A CG2 1 
ATOM   142 N  N   . SER A 1 44 ? 0.539   2.558   11.326  1.00 12.46 ?  23  SER A N   1 
ATOM   143 C  CA  . SER A 1 44 ? -0.252  2.857   10.138  1.00 11.55 ?  23  SER A CA  1 
ATOM   144 C  C   . SER A 1 44 ? -1.743  2.790   10.432  1.00 11.58 ?  23  SER A C   1 
ATOM   145 O  O   . SER A 1 44 ? -2.209  1.929   11.184  1.00 14.78 ?  23  SER A O   1 
ATOM   146 C  CB  . SER A 1 44 ? 0.078   1.875   9.018   1.00 11.77 ?  23  SER A CB  1 
ATOM   147 O  OG  . SER A 1 44 ? -0.711  2.167   7.869   1.00 11.38 ?  23  SER A OG  1 
ATOM   148 N  N   . GLU A 1 45 ? -2.496  3.699   9.823   1.00 11.30 ?  24  GLU A N   1 
ATOM   149 C  CA  . GLU A 1 45 ? -3.947  3.601   9.883   1.00 11.46 ?  24  GLU A CA  1 
ATOM   150 C  C   . GLU A 1 45 ? -4.524  2.597   8.892   1.00 14.28 ?  24  GLU A C   1 
ATOM   151 O  O   . GLU A 1 45 ? -5.749  2.433   8.851   1.00 14.03 ?  24  GLU A O   1 
ATOM   152 C  CB  . GLU A 1 45 ? -4.577  4.975   9.656   1.00 13.92 ?  24  GLU A CB  1 
ATOM   153 C  CG  . GLU A 1 45 ? -4.474  5.467   8.222   1.00 15.35 ?  24  GLU A CG  1 
ATOM   154 C  CD  . GLU A 1 45 ? -5.135  6.822   8.022   1.00 26.60 ?  24  GLU A CD  1 
ATOM   155 O  OE1 . GLU A 1 45 ? -5.669  7.380   9.009   1.00 29.76 ?  24  GLU A OE1 1 
ATOM   156 O  OE2 . GLU A 1 45 ? -5.074  7.345   6.891   1.00 17.17 -1 24  GLU A OE2 1 
ATOM   157 N  N   . LYS A 1 46 ? -3.693  1.899   8.121   1.00 10.23 ?  25  LYS A N   1 
ATOM   158 C  CA  . LYS A 1 46 ? -4.198  0.927   7.162   1.00 9.61  ?  25  LYS A CA  1 
ATOM   159 C  C   . LYS A 1 46 ? -3.753  -0.496  7.497   1.00 12.14 ?  25  LYS A C   1 
ATOM   160 O  O   . LYS A 1 46 ? -3.716  -1.363  6.621   1.00 12.15 ?  25  LYS A O   1 
ATOM   161 C  CB  . LYS A 1 46 ? -3.782  1.316   5.743   1.00 10.99 ?  25  LYS A CB  1 
ATOM   162 C  CG  . LYS A 1 46 ? -4.404  2.607   5.249   1.00 10.48 ?  25  LYS A CG  1 
ATOM   163 C  CD  . LYS A 1 46 ? -5.912  2.505   5.151   1.00 11.80 ?  25  LYS A CD  1 
ATOM   164 C  CE  . LYS A 1 46 ? -6.532  3.814   4.667   1.00 12.90 ?  25  LYS A CE  1 
ATOM   165 N  NZ  . LYS A 1 46 ? -7.999  3.862   4.918   1.00 15.09 ?  25  LYS A NZ  1 
ATOM   166 N  N   . LYS A 1 47 ? -3.437  -0.764  8.763   1.00 13.68 ?  26  LYS A N   1 
ATOM   167 C  CA  . LYS A 1 47 ? -3.212  -2.142  9.184   1.00 12.15 ?  26  LYS A CA  1 
ATOM   168 C  C   . LYS A 1 47 ? -4.449  -2.984  8.912   1.00 12.68 ?  26  LYS A C   1 
ATOM   169 O  O   . LYS A 1 47 ? -5.587  -2.526  9.074   1.00 15.76 ?  26  LYS A O   1 
ATOM   170 C  CB  . LYS A 1 47 ? -2.862  -2.206  10.672  1.00 13.22 ?  26  LYS A CB  1 
ATOM   171 C  CG  . LYS A 1 47 ? -1.621  -1.439  11.038  1.00 14.17 ?  26  LYS A CG  1 
ATOM   172 C  CD  . LYS A 1 47 ? -1.273  -1.617  12.506  1.00 20.53 ?  26  LYS A CD  1 
ATOM   173 C  CE  . LYS A 1 47 ? -0.059  -0.783  12.901  1.00 19.23 ?  26  LYS A CE  1 
ATOM   174 N  NZ  . LYS A 1 47 ? 0.265   -1.040  14.345  1.00 18.70 ?  26  LYS A NZ  1 
ATOM   175 N  N   . GLY A 1 48 ? -4.220  -4.221  8.491   1.00 13.26 ?  27  GLY A N   1 
ATOM   176 C  CA  . GLY A 1 48 ? -5.339  -5.099  8.216   1.00 12.13 ?  27  GLY A CA  1 
ATOM   177 C  C   . GLY A 1 48 ? -6.068  -4.791  6.936   1.00 13.77 ?  27  GLY A C   1 
ATOM   178 O  O   . GLY A 1 48 ? -7.216  -5.207  6.773   1.00 15.22 ?  27  GLY A O   1 
ATOM   179 N  N   . THR A 1 49 ? -5.444  -4.063  6.015   1.00 11.36 ?  28  THR A N   1 
ATOM   180 C  CA  . THR A 1 49 ? -6.079  -3.829  4.730   1.00 11.40 ?  28  THR A CA  1 
ATOM   181 C  C   . THR A 1 49 ? -5.977  -5.089  3.869   1.00 11.67 ?  28  THR A C   1 
ATOM   182 O  O   . THR A 1 49 ? -5.406  -6.107  4.271   1.00 11.57 ?  28  THR A O   1 
ATOM   183 C  CB  . THR A 1 49 ? -5.462  -2.608  4.040   1.00 12.17 ?  28  THR A CB  1 
ATOM   184 O  OG1 . THR A 1 49 ? -6.336  -2.176  2.990   1.00 13.37 ?  28  THR A OG1 1 
ATOM   185 C  CG2 . THR A 1 49 ? -4.078  -2.915  3.465   1.00 14.65 ?  28  THR A CG2 1 
ATOM   186 N  N   . THR A 1 50 ? -6.567  -5.024  2.676   1.00 12.30 ?  29  THR A N   1 
ATOM   187 C  CA  . THR A 1 50 ? -6.622  -6.156  1.761   1.00 8.75  ?  29  THR A CA  1 
ATOM   188 C  C   . THR A 1 50 ? -6.116  -5.747  0.389   1.00 12.51 ?  29  THR A C   1 
ATOM   189 O  O   . THR A 1 50 ? -6.106  -4.568  0.031   1.00 12.21 ?  29  THR A O   1 
ATOM   190 C  CB  . THR A 1 50 ? -8.051  -6.699  1.585   1.00 12.85 ?  29  THR A CB  1 
ATOM   191 O  OG1 . THR A 1 50 ? -8.815  -5.736  0.847   1.00 12.17 ?  29  THR A OG1 1 
ATOM   192 C  CG2 . THR A 1 50 ? -8.720  -6.948  2.916   1.00 13.38 ?  29  THR A CG2 1 
ATOM   193 N  N   . LEU A 1 51 ? -5.750  -6.752  -0.407  1.00 10.97 ?  30  LEU A N   1 
ATOM   194 C  CA  . LEU A 1 51 ? -5.337  -6.468  -1.775  1.00 9.50  ?  30  LEU A CA  1 
ATOM   195 C  C   . LEU A 1 51 ? -6.478  -5.847  -2.568  1.00 11.46 ?  30  LEU A C   1 
ATOM   196 O  O   . LEU A 1 51 ? -6.277  -4.890  -3.323  1.00 13.26 ?  30  LEU A O   1 
ATOM   197 C  CB  . LEU A 1 51 ? -4.838  -7.750  -2.432  1.00 13.39 ?  30  LEU A CB  1 
ATOM   198 C  CG  . LEU A 1 51 ? -4.369  -7.605  -3.866  1.00 15.70 ?  30  LEU A CG  1 
ATOM   199 C  CD1 . LEU A 1 51 ? -3.072  -6.814  -3.934  1.00 15.03 ?  30  LEU A CD1 1 
ATOM   200 C  CD2 . LEU A 1 51 ? -4.207  -9.002  -4.447  1.00 16.23 ?  30  LEU A CD2 1 
ATOM   201 N  N   . ALA A 1 52 ? -7.694  -6.360  -2.387  1.00 12.94 ?  31  ALA A N   1 
ATOM   202 C  CA  . ALA A 1 52 ? -8.823  -5.820  -3.129  1.00 13.86 ?  31  ALA A CA  1 
ATOM   203 C  C   . ALA A 1 52 ? -9.093  -4.368  -2.759  1.00 11.85 ?  31  ALA A C   1 
ATOM   204 O  O   . ALA A 1 52 ? -9.376  -3.549  -3.640  1.00 12.27 ?  31  ALA A O   1 
ATOM   205 C  CB  . ALA A 1 52 ? -10.064 -6.683  -2.890  1.00 13.14 ?  31  ALA A CB  1 
ATOM   206 N  N   . ARG A 1 53 ? -8.995  -4.023  -1.468  1.00 10.07 ?  32  ARG A N   1 
ATOM   207 C  CA  . ARG A 1 53 ? -9.161  -2.624  -1.069  1.00 8.62  ?  32  ARG A CA  1 
ATOM   208 C  C   . ARG A 1 53 ? -8.080  -1.746  -1.676  1.00 11.29 ?  32  ARG A C   1 
ATOM   209 O  O   . ARG A 1 53 ? -8.359  -0.636  -2.145  1.00 11.95 ?  32  ARG A O   1 
ATOM   210 C  CB  . ARG A 1 53 ? -9.127  -2.476  0.452   1.00 10.34 ?  32  ARG A CB  1 
ATOM   211 C  CG  . ARG A 1 53 ? -10.387 -2.929  1.143   1.00 11.16 ?  32  ARG A CG  1 
ATOM   212 C  CD  . ARG A 1 53 ? -10.162 -3.016  2.640   1.00 12.34 ?  32  ARG A CD  1 
ATOM   213 N  NE  . ARG A 1 53 ? -11.400 -3.384  3.317   1.00 12.53 ?  32  ARG A NE  1 
ATOM   214 C  CZ  . ARG A 1 53 ? -12.127 -2.561  4.054   1.00 13.46 ?  32  ARG A CZ  1 
ATOM   215 N  NH1 . ARG A 1 53 ? -11.797 -1.287  4.204   1.00 16.58 ?  32  ARG A NH1 1 
ATOM   216 N  NH2 . ARG A 1 53 ? -13.222 -3.025  4.651   1.00 15.72 ?  32  ARG A NH2 1 
ATOM   217 N  N   . LEU A 1 54 ? -6.832  -2.218  -1.645  1.00 10.23 ?  33  LEU A N   1 
ATOM   218 C  CA  . LEU A 1 54 ? -5.731  -1.399  -2.137  1.00 9.74  ?  33  LEU A CA  1 
ATOM   219 C  C   . LEU A 1 54 ? -5.794  -1.238  -3.652  1.00 11.96 ?  33  LEU A C   1 
ATOM   220 O  O   . LEU A 1 54 ? -5.647  -0.123  -4.167  1.00 12.66 ?  33  LEU A O   1 
ATOM   221 C  CB  . LEU A 1 54 ? -4.398  -2.001  -1.685  1.00 10.76 ?  33  LEU A CB  1 
ATOM   222 C  CG  . LEU A 1 54 ? -3.150  -1.294  -2.194  1.00 9.72  ?  33  LEU A CG  1 
ATOM   223 C  CD1 . LEU A 1 54 ? -3.223  0.215   -1.995  1.00 10.31 ?  33  LEU A CD1 1 
ATOM   224 C  CD2 . LEU A 1 54 ? -1.927  -1.907  -1.493  1.00 11.29 ?  33  LEU A CD2 1 
ATOM   225 N  N   . GLN A 1 55 ? -6.027  -2.332  -4.392  1.00 11.73 ?  34  GLN A N   1 
ATOM   226 C  CA  . GLN A 1 55 ? -6.146  -2.201  -5.846  1.00 13.16 ?  34  GLN A CA  1 
ATOM   227 C  C   . GLN A 1 55 ? -7.326  -1.312  -6.217  1.00 14.97 ?  34  GLN A C   1 
ATOM   228 O  O   . GLN A 1 55 ? -7.226  -0.485  -7.132  1.00 15.96 ?  34  GLN A O   1 
ATOM   229 C  CB  . GLN A 1 55 ? -6.297  -3.566  -6.521  1.00 13.68 ?  34  GLN A CB  1 
ATOM   230 C  CG  . GLN A 1 55 ? -5.293  -4.614  -6.140  1.00 21.88 ?  34  GLN A CG  1 
ATOM   231 C  CD  . GLN A 1 55 ? -5.504  -5.900  -6.926  1.00 30.36 ?  34  GLN A CD  1 
ATOM   232 O  OE1 . GLN A 1 55 ? -6.470  -6.632  -6.689  1.00 34.42 ?  34  GLN A OE1 1 
ATOM   233 N  NE2 . GLN A 1 55 ? -4.587  -6.194  -7.842  1.00 37.69 ?  34  GLN A NE2 1 
ATOM   234 N  N   A SER A 1 56 ? -8.450  -1.464  -5.514  0.54 13.79 ?  35  SER A N   1 
ATOM   235 N  N   B SER A 1 56 ? -8.451  -1.458  -5.513  0.46 13.80 ?  35  SER A N   1 
ATOM   236 C  CA  A SER A 1 56 ? -9.616  -0.640  -5.816  0.54 13.87 ?  35  SER A CA  1 
ATOM   237 C  CA  B SER A 1 56 ? -9.617  -0.635  -5.830  0.46 13.89 ?  35  SER A CA  1 
ATOM   238 C  C   A SER A 1 56 ? -9.359  0.824   -5.486  0.54 16.53 ?  35  SER A C   1 
ATOM   239 C  C   B SER A 1 56 ? -9.375  0.827   -5.476  0.46 16.51 ?  35  SER A C   1 
ATOM   240 O  O   A SER A 1 56 ? -9.826  1.719   -6.200  0.54 15.60 ?  35  SER A O   1 
ATOM   241 O  O   B SER A 1 56 ? -9.870  1.726   -6.166  0.46 15.60 ?  35  SER A O   1 
ATOM   242 C  CB  A SER A 1 56 ? -10.834 -1.148  -5.048  0.54 16.22 ?  35  SER A CB  1 
ATOM   243 C  CB  B SER A 1 56 ? -10.856 -1.156  -5.103  0.46 16.24 ?  35  SER A CB  1 
ATOM   244 O  OG  A SER A 1 56 ? -11.181 -2.458  -5.450  0.54 18.27 ?  35  SER A OG  1 
ATOM   245 O  OG  B SER A 1 56 ? -11.919 -0.215  -5.168  0.46 19.50 ?  35  SER A OG  1 
ATOM   246 N  N   . ALA A 1 57 ? -8.627  1.087   -4.402  1.00 13.76 ?  36  ALA A N   1 
ATOM   247 C  CA  . ALA A 1 57 ? -8.347  2.468   -4.028  1.00 13.65 ?  36  ALA A CA  1 
ATOM   248 C  C   . ALA A 1 57 ? -7.466  3.148   -5.070  1.00 11.66 ?  36  ALA A C   1 
ATOM   249 O  O   . ALA A 1 57 ? -7.715  4.303   -5.440  1.00 14.48 ?  36  ALA A O   1 
ATOM   250 C  CB  . ALA A 1 57 ? -7.703  2.519   -2.641  1.00 11.57 ?  36  ALA A CB  1 
ATOM   251 N  N   . VAL A 1 58 ? -6.450  2.446   -5.577  1.00 10.53 ?  37  VAL A N   1 
ATOM   252 C  CA  . VAL A 1 58 ? -5.618  3.022   -6.630  1.00 14.29 ?  37  VAL A CA  1 
ATOM   253 C  C   . VAL A 1 58 ? -6.440  3.218   -7.897  1.00 16.46 ?  37  VAL A C   1 
ATOM   254 O  O   . VAL A 1 58 ? -6.430  4.291   -8.512  1.00 16.68 ?  37  VAL A O   1 
ATOM   255 C  CB  . VAL A 1 58 ? -4.383  2.140   -6.883  1.00 12.47 ?  37  VAL A CB  1 
ATOM   256 C  CG1 . VAL A 1 58 ? -3.582  2.686   -8.067  1.00 13.96 ?  37  VAL A CG1 1 
ATOM   257 C  CG2 . VAL A 1 58 ? -3.518  2.079   -5.634  1.00 13.56 ?  37  VAL A CG2 1 
ATOM   258 N  N   . SER A 1 59 ? -7.180  2.186   -8.293  1.00 14.49 ?  38  SER A N   1 
ATOM   259 C  CA  . SER A 1 59 ? -7.925  2.248   -9.544  1.00 17.72 ?  38  SER A CA  1 
ATOM   260 C  C   . SER A 1 59 ? -9.000  3.332   -9.506  1.00 18.30 ?  38  SER A C   1 
ATOM   261 O  O   . SER A 1 59 ? -9.255  3.995   -10.518 1.00 21.55 ?  38  SER A O   1 
ATOM   262 C  CB  . SER A 1 59 ? -8.540  0.883   -9.842  1.00 22.13 ?  38  SER A CB  1 
ATOM   263 O  OG  . SER A 1 59 ? -9.566  0.991   -10.808 1.00 41.18 ?  38  SER A OG  1 
ATOM   264 N  N   . ALA A 1 60 ? -9.644  3.520   -8.352  1.00 17.35 ?  39  ALA A N   1 
ATOM   265 C  CA  . ALA A 1 60 ? -10.694 4.524   -8.204  1.00 15.52 ?  39  ALA A CA  1 
ATOM   266 C  C   . ALA A 1 60 ? -10.158 5.885   -7.811  1.00 14.43 ?  39  ALA A C   1 
ATOM   267 O  O   . ALA A 1 60 ? -10.950 6.811   -7.633  1.00 17.65 ?  39  ALA A O   1 
ATOM   268 C  CB  . ALA A 1 60 ? -11.721 4.081   -7.164  1.00 16.59 ?  39  ALA A CB  1 
ATOM   269 N  N   . ASN A 1 61 ? -8.846  6.014   -7.635  1.00 15.92 ?  40  ASN A N   1 
ATOM   270 C  CA  . ASN A 1 61 ? -8.205  7.273   -7.268  1.00 12.47 ?  40  ASN A CA  1 
ATOM   271 C  C   . ASN A 1 61 ? -8.657  7.767   -5.895  1.00 10.77 ?  40  ASN A C   1 
ATOM   272 O  O   . ASN A 1 61 ? -8.721  8.968   -5.647  1.00 14.56 ?  40  ASN A O   1 
ATOM   273 C  CB  . ASN A 1 61 ? -8.433  8.344   -8.344  1.00 16.01 ?  40  ASN A CB  1 
ATOM   274 C  CG  . ASN A 1 61 ? -7.610  9.594   -8.113  1.00 16.53 ?  40  ASN A CG  1 
ATOM   275 O  OD1 . ASN A 1 61 ? -6.402  9.528   -7.868  1.00 17.17 ?  40  ASN A OD1 1 
ATOM   276 N  ND2 . ASN A 1 61 ? -8.256  10.752  -8.208  1.00 18.11 ?  40  ASN A ND2 1 
ATOM   277 N  N   . ALA A 1 62 ? -8.958  6.845   -4.980  1.00 13.00 ?  41  ALA A N   1 
ATOM   278 C  CA  . ALA A 1 62 ? -9.336  7.251   -3.627  1.00 13.35 ?  41  ALA A CA  1 
ATOM   279 C  C   . ALA A 1 62 ? -8.257  8.130   -3.011  1.00 12.67 ?  41  ALA A C   1 
ATOM   280 O  O   . ALA A 1 62 ? -7.068  7.783   -3.018  1.00 14.12 ?  41  ALA A O   1 
ATOM   281 C  CB  . ALA A 1 62 ? -9.582  6.028   -2.745  1.00 14.88 ?  41  ALA A CB  1 
ATOM   282 N  N   . GLY A 1 63 ? -8.664  9.279   -2.484  1.00 12.49 ?  42  GLY A N   1 
ATOM   283 C  CA  . GLY A 1 63 ? -7.714  10.175  -1.853  1.00 12.51 ?  42  GLY A CA  1 
ATOM   284 C  C   . GLY A 1 63 ? -6.610  10.689  -2.748  1.00 13.09 ?  42  GLY A C   1 
ATOM   285 O  O   . GLY A 1 63 ? -5.622  11.230  -2.247  1.00 14.81 ?  42  GLY A O   1 
ATOM   286 N  N   . GLY A 1 64 ? -6.744  10.534  -4.063  1.00 12.81 ?  43  GLY A N   1 
ATOM   287 C  CA  . GLY A 1 64 ? -5.682  10.891  -4.984  1.00 14.03 ?  43  GLY A CA  1 
ATOM   288 C  C   . GLY A 1 64 ? -4.664  9.797   -5.225  1.00 13.45 ?  43  GLY A C   1 
ATOM   289 O  O   . GLY A 1 64 ? -3.575  10.081  -5.740  1.00 16.61 ?  43  GLY A O   1 
ATOM   290 N  N   . MET A 1 65 ? -5.006  8.546   -4.927  1.00 12.89 ?  44  MET A N   1 
ATOM   291 C  CA  . MET A 1 65 ? -4.043  7.461   -4.947  1.00 12.84 ?  44  MET A CA  1 
ATOM   292 C  C   . MET A 1 65 ? -3.766  6.947   -6.359  1.00 14.10 ?  44  MET A C   1 
ATOM   293 O  O   . MET A 1 65 ? -2.981  6.005   -6.521  1.00 12.88 ?  44  MET A O   1 
ATOM   294 C  CB  . MET A 1 65 ? -4.569  6.324   -4.078  1.00 11.18 ?  44  MET A CB  1 
ATOM   295 C  CG  . MET A 1 65 ? -4.123  6.403   -2.653  1.00 10.39 ?  44  MET A CG  1 
ATOM   296 S  SD  . MET A 1 65 ? -5.058  5.240   -1.657  1.00 10.47 ?  44  MET A SD  1 
ATOM   297 C  CE  . MET A 1 65 ? -4.333  3.722   -2.296  1.00 9.97  ?  44  MET A CE  1 
ATOM   298 N  N   . GLY A 1 66 ? -4.433  7.495   -7.380  1.00 13.53 ?  45  GLY A N   1 
ATOM   299 C  CA  . GLY A 1 66 ? -4.302  6.942   -8.718  1.00 15.36 ?  45  GLY A CA  1 
ATOM   300 C  C   . GLY A 1 66 ? -2.905  7.031   -9.287  1.00 15.11 ?  45  GLY A C   1 
ATOM   301 O  O   . GLY A 1 66 ? -2.565  6.263   -10.196 1.00 14.24 ?  45  GLY A O   1 
ATOM   302 N  N   . PHE A 1 67 ? -2.081  7.947   -8.775  1.00 15.85 ?  46  PHE A N   1 
ATOM   303 C  CA  . PHE A 1 67 ? -0.710  8.038   -9.265  1.00 13.53 ?  46  PHE A CA  1 
ATOM   304 C  C   . PHE A 1 67 ? 0.105   6.796   -8.942  1.00 15.49 ?  46  PHE A C   1 
ATOM   305 O  O   . PHE A 1 67 ? 1.198   6.632   -9.488  1.00 19.98 ?  46  PHE A O   1 
ATOM   306 C  CB  . PHE A 1 67 ? -0.025  9.290   -8.709  1.00 16.40 ?  46  PHE A CB  1 
ATOM   307 C  CG  . PHE A 1 67 ? 0.384   9.193   -7.263  1.00 17.90 ?  46  PHE A CG  1 
ATOM   308 C  CD1 . PHE A 1 67 ? -0.567  9.242   -6.247  1.00 17.35 ?  46  PHE A CD1 1 
ATOM   309 C  CD2 . PHE A 1 67 ? 1.725   9.085   -6.913  1.00 16.74 ?  46  PHE A CD2 1 
ATOM   310 C  CE1 . PHE A 1 67 ? -0.191  9.170   -4.918  1.00 17.92 ?  46  PHE A CE1 1 
ATOM   311 C  CE2 . PHE A 1 67 ? 2.110   9.006   -5.576  1.00 18.47 ?  46  PHE A CE2 1 
ATOM   312 C  CZ  . PHE A 1 67 ? 1.150   9.046   -4.578  1.00 20.77 ?  46  PHE A CZ  1 
ATOM   313 N  N   . LEU A 1 68 ? -0.404  5.918   -8.083  1.00 13.33 ?  47  LEU A N   1 
ATOM   314 C  CA  . LEU A 1 68 ? 0.265   4.678   -7.735  1.00 11.00 ?  47  LEU A CA  1 
ATOM   315 C  C   . LEU A 1 68 ? -0.108  3.529   -8.668  1.00 13.50 ?  47  LEU A C   1 
ATOM   316 O  O   . LEU A 1 68 ? 0.214   2.374   -8.371  1.00 15.63 ?  47  LEU A O   1 
ATOM   317 C  CB  . LEU A 1 68 ? -0.067  4.325   -6.282  1.00 11.44 ?  47  LEU A CB  1 
ATOM   318 C  CG  . LEU A 1 68 ? 0.469   5.313   -5.259  1.00 13.79 ?  47  LEU A CG  1 
ATOM   319 C  CD1 . LEU A 1 68 ? -0.079  4.947   -3.870  1.00 16.33 ?  47  LEU A CD1 1 
ATOM   320 C  CD2 . LEU A 1 68 ? 1.986   5.321   -5.235  1.00 18.04 ?  47  LEU A CD2 1 
ATOM   321 N  N   . SER A 1 69 ? -0.777  3.821   -9.787  1.00 13.73 ?  48  SER A N   1 
ATOM   322 C  CA  . SER A 1 69 ? -1.235  2.766   -10.692 1.00 15.05 ?  48  SER A CA  1 
ATOM   323 C  C   . SER A 1 69 ? -0.099  2.003   -11.356 1.00 18.93 ?  48  SER A C   1 
ATOM   324 O  O   . SER A 1 69 ? -0.357  0.962   -11.967 1.00 21.17 ?  48  SER A O   1 
ATOM   325 C  CB  . SER A 1 69 ? -2.158  3.357   -11.755 1.00 20.97 ?  48  SER A CB  1 
ATOM   326 O  OG  . SER A 1 69 ? -1.494  4.351   -12.511 1.00 26.96 ?  48  SER A OG  1 
ATOM   327 N  N   . SER A 1 70 ? 1.136   2.477   -11.251 1.00 16.65 ?  49  SER A N   1 
ATOM   328 C  CA  . SER A 1 70 ? 2.272   1.762   -11.810 1.00 17.59 ?  49  SER A CA  1 
ATOM   329 C  C   . SER A 1 70 ? 2.732   0.600   -10.940 1.00 17.66 ?  49  SER A C   1 
ATOM   330 O  O   . SER A 1 70 ? 3.498   -0.246  -11.415 1.00 19.78 ?  49  SER A O   1 
ATOM   331 C  CB  . SER A 1 70 ? 3.419   2.743   -12.036 1.00 20.49 ?  49  SER A CB  1 
ATOM   332 O  OG  . SER A 1 70 ? 3.788   3.325   -10.794 1.00 24.47 ?  49  SER A OG  1 
ATOM   333 N  N   . LEU A 1 71 ? 2.290   0.523   -9.687  1.00 17.11 ?  50  LEU A N   1 
ATOM   334 C  CA  . LEU A 1 71 ? 2.690   -0.590  -8.838  1.00 14.40 ?  50  LEU A CA  1 
ATOM   335 C  C   . LEU A 1 71 ? 2.074   -1.896  -9.337  1.00 13.42 ?  50  LEU A C   1 
ATOM   336 O  O   . LEU A 1 71 ? 0.908   -1.938  -9.757  1.00 17.90 ?  50  LEU A O   1 
ATOM   337 C  CB  . LEU A 1 71 ? 2.271   -0.328  -7.392  1.00 14.48 ?  50  LEU A CB  1 
ATOM   338 C  CG  . LEU A 1 71 ? 2.967   0.884   -6.753  1.00 18.79 ?  50  LEU A CG  1 
ATOM   339 C  CD1 . LEU A 1 71 ? 2.629   0.981   -5.267  1.00 18.36 ?  50  LEU A CD1 1 
ATOM   340 C  CD2 . LEU A 1 71 ? 4.457   0.802   -6.944  1.00 23.15 ?  50  LEU A CD2 1 
ATOM   341 N  N   . THR A 1 72 ? 2.863   -2.967  -9.282  1.00 19.18 ?  51  THR A N   1 
ATOM   342 C  CA  . THR A 1 72 ? 2.398   -4.271  -9.728  1.00 17.71 ?  51  THR A CA  1 
ATOM   343 C  C   . THR A 1 72 ? 1.633   -4.981  -8.617  1.00 17.01 ?  51  THR A C   1 
ATOM   344 O  O   . THR A 1 72 ? 1.669   -4.594  -7.445  1.00 15.78 ?  51  THR A O   1 
ATOM   345 C  CB  . THR A 1 72 ? 3.566   -5.159  -10.153 1.00 15.91 ?  51  THR A CB  1 
ATOM   346 O  OG1 . THR A 1 72 ? 4.322   -5.527  -8.996  1.00 17.87 ?  51  THR A OG1 1 
ATOM   347 C  CG2 . THR A 1 72 ? 4.478   -4.421  -11.114 1.00 22.21 ?  51  THR A CG2 1 
ATOM   348 N  N   . SER A 1 73 ? 0.957   -6.066  -8.999  1.00 18.00 ?  52  SER A N   1 
ATOM   349 C  CA  . SER A 1 73 ? 0.274   -6.890  -8.010  1.00 18.11 ?  52  SER A CA  1 
ATOM   350 C  C   . SER A 1 73 ? 1.240   -7.422  -6.956  1.00 14.04 ?  52  SER A C   1 
ATOM   351 O  O   . SER A 1 73 ? 0.886   -7.516  -5.775  1.00 15.04 ?  52  SER A O   1 
ATOM   352 C  CB  . SER A 1 73 ? -0.445  -8.044  -8.710  1.00 21.46 ?  52  SER A CB  1 
ATOM   353 O  OG  . SER A 1 73 ? 0.477   -8.867  -9.408  1.00 23.58 ?  52  SER A OG  1 
ATOM   354 N  N   . ALA A 1 74 ? 2.451   -7.810  -7.367  1.00 15.23 ?  53  ALA A N   1 
ATOM   355 C  CA  . ALA A 1 74 ? 3.442   -8.294  -6.411  1.00 13.48 ?  53  ALA A CA  1 
ATOM   356 C  C   . ALA A 1 74 ? 3.849   -7.205  -5.427  1.00 13.17 ?  53  ALA A C   1 
ATOM   357 O  O   . ALA A 1 74 ? 4.098   -7.497  -4.252  1.00 14.91 ?  53  ALA A O   1 
ATOM   358 C  CB  . ALA A 1 74 ? 4.673   -8.827  -7.143  1.00 13.44 ?  53  ALA A CB  1 
ATOM   359 N  N   . GLN A 1 75 ? 3.903   -5.951  -5.884  1.00 12.97 ?  54  GLN A N   1 
ATOM   360 C  CA  . GLN A 1 75 ? 4.241   -4.845  -4.993  1.00 10.89 ?  54  GLN A CA  1 
ATOM   361 C  C   . GLN A 1 75 ? 3.089   -4.503  -4.058  1.00 10.31 ?  54  GLN A C   1 
ATOM   362 O  O   . GLN A 1 75 ? 3.290   -4.331  -2.846  1.00 10.58 ?  54  GLN A O   1 
ATOM   363 C  CB  . GLN A 1 75 ? 4.651   -3.623  -5.816  1.00 12.53 ?  54  GLN A CB  1 
ATOM   364 C  CG  . GLN A 1 75 ? 5.952   -3.839  -6.569  1.00 13.53 ?  54  GLN A CG  1 
ATOM   365 C  CD  . GLN A 1 75 ? 6.223   -2.737  -7.561  1.00 13.34 ?  54  GLN A CD  1 
ATOM   366 O  OE1 . GLN A 1 75 ? 5.324   -2.258  -8.245  1.00 19.13 ?  54  GLN A OE1 1 
ATOM   367 N  NE2 . GLN A 1 75 ? 7.472   -2.305  -7.619  1.00 28.60 ?  54  GLN A NE2 1 
ATOM   368 N  N   . LEU A 1 76 ? 1.871   -4.420  -4.594  1.00 11.64 ?  55  LEU A N   1 
ATOM   369 C  CA  . LEU A 1 76 ? 0.727   -4.129  -3.737  1.00 11.11 ?  55  LEU A CA  1 
ATOM   370 C  C   . LEU A 1 76 ? 0.510   -5.234  -2.705  1.00 9.43  ?  55  LEU A C   1 
ATOM   371 O  O   . LEU A 1 76 ? 0.233   -4.952  -1.540  1.00 10.66 ?  55  LEU A O   1 
ATOM   372 C  CB  . LEU A 1 76 ? -0.535  -3.920  -4.581  1.00 12.89 ?  55  LEU A CB  1 
ATOM   373 C  CG  . LEU A 1 76 ? -0.530  -2.767  -5.594  1.00 13.69 ?  55  LEU A CG  1 
ATOM   374 C  CD1 . LEU A 1 76 ? -1.852  -2.761  -6.348  1.00 17.35 ?  55  LEU A CD1 1 
ATOM   375 C  CD2 . LEU A 1 76 ? -0.301  -1.427  -4.934  1.00 13.75 ?  55  LEU A CD2 1 
ATOM   376 N  N   . GLN A 1 77 ? 0.657   -6.500  -3.103  1.00 10.61 ?  56  GLN A N   1 
ATOM   377 C  CA  . GLN A 1 77 ? 0.499   -7.580  -2.135  1.00 9.85  ?  56  GLN A CA  1 
ATOM   378 C  C   . GLN A 1 77 ? 1.561   -7.511  -1.047  1.00 11.27 ?  56  GLN A C   1 
ATOM   379 O  O   . GLN A 1 77 ? 1.284   -7.810  0.120   1.00 12.66 ?  56  GLN A O   1 
ATOM   380 C  CB  . GLN A 1 77 ? 0.558   -8.939  -2.837  1.00 10.28 ?  56  GLN A CB  1 
ATOM   381 C  CG  . GLN A 1 77 ? 0.312   -10.105 -1.883  1.00 12.60 ?  56  GLN A CG  1 
ATOM   382 C  CD  . GLN A 1 77 ? -1.129  -10.151 -1.395  1.00 12.08 ?  56  GLN A CD  1 
ATOM   383 O  OE1 . GLN A 1 77 ? -2.042  -10.411 -2.179  1.00 13.24 ?  56  GLN A OE1 1 
ATOM   384 N  NE2 . GLN A 1 77 ? -1.341  -9.887  -0.103  1.00 12.34 ?  56  GLN A NE2 1 
ATOM   385 N  N   . ALA A 1 78 ? 2.795   -7.143  -1.413  1.00 11.39 ?  57  ALA A N   1 
ATOM   386 C  CA  . ALA A 1 78 ? 3.846   -7.047  -0.413  1.00 9.55  ?  57  ALA A CA  1 
ATOM   387 C  C   . ALA A 1 78 ? 3.505   -5.997  0.629   1.00 11.67 ?  57  ALA A C   1 
ATOM   388 O  O   . ALA A 1 78 ? 3.766   -6.194  1.821   1.00 13.43 ?  57  ALA A O   1 
ATOM   389 C  CB  . ALA A 1 78 ? 5.183   -6.721  -1.070  1.00 10.60 ?  57  ALA A CB  1 
ATOM   390 N  N   . ILE A 1 79 ? 2.903   -4.883  0.192   1.00 9.87  ?  58  ILE A N   1 
ATOM   391 C  CA  . ILE A 1 79 ? 2.481   -3.832  1.122   1.00 10.39 ?  58  ILE A CA  1 
ATOM   392 C  C   . ILE A 1 79 ? 1.344   -4.325  2.011   1.00 11.80 ?  58  ILE A C   1 
ATOM   393 O  O   . ILE A 1 79 ? 1.358   -4.126  3.235   1.00 12.41 ?  58  ILE A O   1 
ATOM   394 C  CB  . ILE A 1 79 ? 2.087   -2.565  0.340   1.00 10.93 ?  58  ILE A CB  1 
ATOM   395 C  CG1 . ILE A 1 79 ? 3.312   -2.014  -0.396  1.00 10.24 ?  58  ILE A CG1 1 
ATOM   396 C  CG2 . ILE A 1 79 ? 1.477   -1.517  1.269   1.00 10.84 ?  58  ILE A CG2 1 
ATOM   397 C  CD1 . ILE A 1 79 ? 2.994   -0.913  -1.385  1.00 12.17 ?  58  ILE A CD1 1 
ATOM   398 N  N   . VAL A 1 80 ? 0.343   -4.982  1.411   1.00 11.02 ?  59  VAL A N   1 
ATOM   399 C  CA  . VAL A 1 80 ? -0.745  -5.571  2.192   1.00 10.87 ?  59  VAL A CA  1 
ATOM   400 C  C   . VAL A 1 80 ? -0.194  -6.512  3.254   1.00 11.55 ?  59  VAL A C   1 
ATOM   401 O  O   . VAL A 1 80 ? -0.641  -6.508  4.408   1.00 12.48 ?  59  VAL A O   1 
ATOM   402 C  CB  . VAL A 1 80 ? -1.738  -6.307  1.267   1.00 10.34 ?  59  VAL A CB  1 
ATOM   403 C  CG1 . VAL A 1 80 ? -2.744  -7.129  2.103   1.00 11.29 ?  59  VAL A CG1 1 
ATOM   404 C  CG2 . VAL A 1 80 ? -2.454  -5.331  0.369   1.00 10.85 ?  59  VAL A CG2 1 
ATOM   405 N  N   . ASP A 1 81 ? 0.786   -7.336  2.882   1.00 10.90 ?  60  ASP A N   1 
ATOM   406 C  CA  . ASP A 1 81 ? 1.263   -8.352  3.811   1.00 10.91 ?  60  ASP A CA  1 
ATOM   407 C  C   . ASP A 1 81 ? 1.976   -7.729  5.005   1.00 13.18 ?  60  ASP A C   1 
ATOM   408 O  O   . ASP A 1 81 ? 1.830   -8.200  6.140   1.00 15.45 ?  60  ASP A O   1 
ATOM   409 C  CB  . ASP A 1 81 ? 2.187   -9.328  3.085   1.00 12.67 ?  60  ASP A CB  1 
ATOM   410 C  CG  . ASP A 1 81 ? 1.448   -10.219 2.095   1.00 16.34 ?  60  ASP A CG  1 
ATOM   411 O  OD1 . ASP A 1 81 ? 0.206   -10.373 2.215   1.00 18.43 ?  60  ASP A OD1 1 
ATOM   412 O  OD2 . ASP A 1 81 ? 2.134   -10.791 1.210   1.00 18.19 -1 60  ASP A OD2 1 
ATOM   413 N  N   . VAL A 1 82 ? 2.754   -6.670  4.777   1.00 13.31 ?  61  VAL A N   1 
ATOM   414 C  CA  . VAL A 1 82 ? 3.443   -6.074  5.912   1.00 16.03 ?  61  VAL A CA  1 
ATOM   415 C  C   . VAL A 1 82 ? 2.460   -5.302  6.790   1.00 15.33 ?  61  VAL A C   1 
ATOM   416 O  O   . VAL A 1 82 ? 2.702   -5.131  7.985   1.00 18.07 ?  61  VAL A O   1 
ATOM   417 C  CB  . VAL A 1 82 ? 4.629   -5.217  5.419   1.00 18.71 ?  61  VAL A CB  1 
ATOM   418 C  CG1 . VAL A 1 82 ? 4.174   -3.908  4.796   1.00 14.01 ?  61  VAL A CG1 1 
ATOM   419 C  CG2 . VAL A 1 82 ? 5.630   -5.011  6.527   1.00 28.78 ?  61  VAL A CG2 1 
ATOM   420 N  N   . LEU A 1 83 ? 1.328   -4.867  6.241   1.00 11.88 ?  62  LEU A N   1 
ATOM   421 C  CA  . LEU A 1 83 ? 0.296   -4.224  7.047   1.00 11.87 ?  62  LEU A CA  1 
ATOM   422 C  C   . LEU A 1 83 ? -0.540  -5.229  7.824   1.00 15.26 ?  62  LEU A C   1 
ATOM   423 O  O   . LEU A 1 83 ? -1.287  -4.833  8.726   1.00 14.13 ?  62  LEU A O   1 
ATOM   424 C  CB  . LEU A 1 83 ? -0.606  -3.378  6.149   1.00 10.89 ?  62  LEU A CB  1 
ATOM   425 C  CG  . LEU A 1 83 ? 0.014   -2.053  5.721   1.00 10.43 ?  62  LEU A CG  1 
ATOM   426 C  CD1 . LEU A 1 83 ? -0.777  -1.449  4.561   1.00 10.32 ?  62  LEU A CD1 1 
ATOM   427 C  CD2 . LEU A 1 83 ? 0.031   -1.096  6.895   1.00 10.65 ?  62  LEU A CD2 1 
ATOM   428 N  N   . ALA A 1 84 ? -0.434  -6.508  7.486   1.00 12.63 ?  63  ALA A N   1 
ATOM   429 C  CA  . ALA A 1 84 ? -1.132  -7.565  8.197   1.00 15.07 ?  63  ALA A CA  1 
ATOM   430 C  C   . ALA A 1 84 ? -0.341  -8.055  9.401   1.00 19.31 ?  63  ALA A C   1 
ATOM   431 O  O   . ALA A 1 84 ? -0.934  -8.612  10.332  1.00 31.69 ?  63  ALA A O   1 
ATOM   432 C  CB  . ALA A 1 84 ? -1.419  -8.731  7.245   1.00 16.55 ?  63  ALA A CB  1 
ATOM   433 N  N   . VAL A 1 85 ? 0.978   -7.864  9.394   1.00 26.21 ?  64  VAL A N   1 
ATOM   434 C  CA  . VAL A 1 85 ? 1.827   -8.279  10.507  1.00 33.20 ?  64  VAL A CA  1 
ATOM   435 C  C   . VAL A 1 85 ? 1.611   -7.298  11.652  1.00 36.12 ?  64  VAL A C   1 
ATOM   436 O  O   . VAL A 1 85 ? 2.429   -7.197  12.562  1.00 45.91 ?  64  VAL A O   1 
ATOM   437 C  CB  . VAL A 1 85 ? 3.332   -8.356  10.112  1.00 30.88 ?  64  VAL A CB  1 
ATOM   438 C  CG1 . VAL A 1 85 ? 3.537   -9.183  8.843   1.00 32.42 ?  64  VAL A CG1 1 
ATOM   439 C  CG2 . VAL A 1 85 ? 3.953   -6.977  9.975   1.00 41.92 ?  64  VAL A CG2 1 
HETATM 440 NA NA  . NA  B 2 .  ? -7.004  13.420  -7.338  1.00 13.52 ?  101 NA  A NA  1 
HETATM 441 FE FE  . HEC C 3 .  ? -4.374  5.517   0.639   1.00 10.69 ?  102 HEC A FE  1 
HETATM 442 C  CHA . HEC C 3 .  ? -7.748  5.391   0.828   1.00 11.78 ?  102 HEC A CHA 1 
HETATM 443 C  CHB . HEC C 3 .  ? -4.189  2.192   1.314   1.00 11.76 ?  102 HEC A CHB 1 
HETATM 444 C  CHC . HEC C 3 .  ? -1.087  5.581   -0.206  1.00 11.90 ?  102 HEC A CHC 1 
HETATM 445 C  CHD . HEC C 3 .  ? -4.366  8.977   0.867   1.00 11.59 ?  102 HEC A CHD 1 
HETATM 446 N  NA  . HEC C 3 .  ? -5.702  4.100   1.055   1.00 9.82  ?  102 HEC A NA  1 
HETATM 447 C  C1A . HEC C 3 .  ? -7.076  4.209   0.951   1.00 8.51  ?  102 HEC A C1A 1 
HETATM 448 C  C2A . HEC C 3 .  ? -7.670  2.890   0.998   1.00 12.99 ?  102 HEC A C2A 1 
HETATM 449 C  C3A . HEC C 3 .  ? -6.671  2.007   1.127   1.00 9.68  ?  102 HEC A C3A 1 
HETATM 450 C  C4A . HEC C 3 .  ? -5.431  2.751   1.177   1.00 10.09 ?  102 HEC A C4A 1 
HETATM 451 C  CMA . HEC C 3 .  ? -6.778  0.464   1.219   1.00 11.97 ?  102 HEC A CMA 1 
HETATM 452 C  CAA . HEC C 3 .  ? -9.177  2.584   0.861   1.00 13.57 ?  102 HEC A CAA 1 
HETATM 453 C  CBA . HEC C 3 .  ? -9.942  2.726   2.162   1.00 11.71 ?  102 HEC A CBA 1 
HETATM 454 C  CGA . HEC C 3 .  ? -9.804  1.449   2.950   1.00 12.63 ?  102 HEC A CGA 1 
HETATM 455 O  O1A . HEC C 3 .  ? -10.238 0.352   2.489   1.00 15.28 ?  102 HEC A O1A 1 
HETATM 456 O  O2A . HEC C 3 .  ? -9.250  1.545   4.069   1.00 17.80 ?  102 HEC A O2A 1 
HETATM 457 N  NB  . HEC C 3 .  ? -2.945  4.166   0.558   1.00 9.07  ?  102 HEC A NB  1 
HETATM 458 C  C1B . HEC C 3 .  ? -3.066  2.832   0.862   1.00 10.49 ?  102 HEC A C1B 1 
HETATM 459 C  C2B . HEC C 3 .  ? -1.843  2.180   0.493   1.00 13.28 ?  102 HEC A C2B 1 
HETATM 460 C  C3B . HEC C 3 .  ? -0.973  3.121   0.121   1.00 10.63 ?  102 HEC A C3B 1 
HETATM 461 C  C4B . HEC C 3 .  ? -1.660  4.375   0.105   1.00 9.38  ?  102 HEC A C4B 1 
HETATM 462 C  CMB . HEC C 3 .  ? -1.541  0.685   0.759   1.00 18.29 ?  102 HEC A CMB 1 
HETATM 463 C  CAB . HEC C 3 .  ? 0.476   2.942   -0.362  1.00 9.71  ?  102 HEC A CAB 1 
HETATM 464 C  CBB . HEC C 3 .  ? 0.547   1.978   -1.586  1.00 10.92 ?  102 HEC A CBB 1 
HETATM 465 N  NC  . HEC C 3 .  ? -2.986  7.005   0.438   1.00 11.31 ?  102 HEC A NC  1 
HETATM 466 C  C1C . HEC C 3 .  ? -1.701  6.802   -0.017  1.00 11.11 ?  102 HEC A C1C 1 
HETATM 467 C  C2C . HEC C 3 .  ? -1.198  8.060   -0.510  1.00 12.35 ?  102 HEC A C2C 1 
HETATM 468 C  C3C . HEC C 3 .  ? -2.004  9.034   -0.049  1.00 13.02 ?  102 HEC A C3C 1 
HETATM 469 C  C4C . HEC C 3 .  ? -3.199  8.379   0.456   1.00 12.10 ?  102 HEC A C4C 1 
HETATM 470 C  CMC . HEC C 3 .  ? 0.297   8.228   -0.853  1.00 14.44 ?  102 HEC A CMC 1 
HETATM 471 C  CAC . HEC C 3 .  ? -1.766  10.569  -0.106  1.00 16.73 ?  102 HEC A CAC 1 
HETATM 472 C  CBC . HEC C 3 .  ? -1.466  11.208  -1.470  1.00 14.27 ?  102 HEC A CBC 1 
HETATM 473 N  ND  . HEC C 3 .  ? -5.800  6.949   0.787   1.00 9.81  ?  102 HEC A ND  1 
HETATM 474 C  C1D . HEC C 3 .  ? -5.577  8.316   0.963   1.00 11.41 ?  102 HEC A C1D 1 
HETATM 475 C  C2D . HEC C 3 .  ? -6.841  8.927   1.293   1.00 12.04 ?  102 HEC A C2D 1 
HETATM 476 C  C3D . HEC C 3 .  ? -7.876  7.821   1.275   1.00 13.49 ?  102 HEC A C3D 1 
HETATM 477 C  C4D . HEC C 3 .  ? -7.151  6.621   0.948   1.00 11.97 ?  102 HEC A C4D 1 
HETATM 478 C  CMD . HEC C 3 .  ? -7.124  10.398  1.618   1.00 12.03 ?  102 HEC A CMD 1 
HETATM 479 C  CAD . HEC C 3 .  ? -9.383  7.986   1.562   1.00 14.64 ?  102 HEC A CAD 1 
HETATM 480 C  CBD . HEC C 3 .  ? -9.608  8.135   3.061   1.00 14.86 ?  102 HEC A CBD 1 
HETATM 481 C  CGD . HEC C 3 .  ? -9.169  6.865   3.750   1.00 16.35 ?  102 HEC A CGD 1 
HETATM 482 O  O1D . HEC C 3 .  ? -8.098  6.874   4.403   1.00 19.88 ?  102 HEC A O1D 1 
HETATM 483 O  O2D . HEC C 3 .  ? -9.901  5.849   3.638   1.00 19.64 ?  102 HEC A O2D 1 
HETATM 484 O  O   . HOH D 4 .  ? -8.055  -8.127  -5.929  1.00 35.78 ?  201 HOH A O   1 
HETATM 485 O  O   . HOH D 4 .  ? 6.706   -5.964  -9.473  1.00 30.88 ?  202 HOH A O   1 
HETATM 486 O  O   . HOH D 4 .  ? -6.707  8.778   5.298   1.00 24.97 ?  203 HOH A O   1 
HETATM 487 O  O   . HOH D 4 .  ? -2.095  -10.693 3.268   1.00 26.61 ?  204 HOH A O   1 
HETATM 488 O  O   . HOH D 4 .  ? -11.201 -6.522  0.353   1.00 15.32 ?  205 HOH A O   1 
HETATM 489 O  O   . HOH D 4 .  ? 9.739   -3.007  -6.016  1.00 32.44 ?  206 HOH A O   1 
HETATM 490 O  O   . HOH D 4 .  ? 9.574   -3.441  0.255   1.00 15.61 ?  207 HOH A O   1 
HETATM 491 O  O   . HOH D 4 .  ? 5.388   -8.380  2.595   1.00 19.76 ?  208 HOH A O   1 
HETATM 492 O  O   . HOH D 4 .  ? 7.129   -8.675  -4.016  1.00 17.13 ?  209 HOH A O   1 
HETATM 493 O  O   . HOH D 4 .  ? -8.091  -0.880  4.567   1.00 13.67 ?  210 HOH A O   1 
HETATM 494 O  O   . HOH D 4 .  ? 8.098   -8.906  -1.128  1.00 15.30 ?  211 HOH A O   1 
HETATM 495 O  O   . HOH D 4 .  ? -1.142  -0.348  -8.873  1.00 32.86 ?  212 HOH A O   1 
HETATM 496 O  O   . HOH D 4 .  ? 9.426   -0.474  8.481   1.00 14.56 ?  213 HOH A O   1 
HETATM 497 O  O   . HOH D 4 .  ? -0.598  6.934   -12.820 1.00 28.29 ?  214 HOH A O   1 
HETATM 498 O  O   . HOH D 4 .  ? -4.625  0.608   11.284  1.00 20.81 ?  215 HOH A O   1 
HETATM 499 O  O   . HOH D 4 .  ? -3.091  -5.856  5.832   1.00 12.55 ?  216 HOH A O   1 
HETATM 500 O  O   . HOH D 4 .  ? 10.611  -3.640  11.330  1.00 37.24 ?  217 HOH A O   1 
HETATM 501 O  O   . HOH D 4 .  ? 8.110   0.970   6.477   1.00 17.46 ?  218 HOH A O   1 
HETATM 502 O  O   . HOH D 4 .  ? -13.225 0.973   5.088   1.00 32.11 ?  219 HOH A O   1 
HETATM 503 O  O   . HOH D 4 .  ? -7.125  -1.687  11.294  1.00 41.42 ?  220 HOH A O   1 
HETATM 504 O  O   . HOH D 4 .  ? 14.877  -2.391  -5.402  1.00 28.69 ?  221 HOH A O   1 
HETATM 505 O  O   . HOH D 4 .  ? -12.176 0.431   0.428   1.00 24.99 ?  222 HOH A O   1 
HETATM 506 O  O   . HOH D 4 .  ? -12.601 6.656   3.350   1.00 42.11 ?  223 HOH A O   1 
HETATM 507 O  O   . HOH D 4 .  ? 14.810  -7.351  -2.486  1.00 18.08 ?  224 HOH A O   1 
HETATM 508 O  O   . HOH D 4 .  ? 8.450   7.082   4.844   1.00 23.01 ?  225 HOH A O   1 
HETATM 509 O  O   . HOH D 4 .  ? 5.470   7.992   1.789   1.00 19.25 ?  226 HOH A O   1 
HETATM 510 O  O   . HOH D 4 .  ? -1.240  -3.430  -11.004 1.00 45.47 ?  227 HOH A O   1 
HETATM 511 O  O   . HOH D 4 .  ? 0.846   -6.625  -11.886 1.00 26.54 ?  228 HOH A O   1 
HETATM 512 O  O   . HOH D 4 .  ? -4.525  10.479  4.238   1.00 29.22 ?  229 HOH A O   1 
HETATM 513 O  O   . HOH D 4 .  ? -11.033 0.639   -1.839  1.00 23.39 ?  230 HOH A O   1 
HETATM 514 O  O   . HOH D 4 .  ? -3.419  10.811  -8.668  1.00 28.53 ?  231 HOH A O   1 
HETATM 515 O  O   . HOH D 4 .  ? 13.133  -2.444  -2.002  1.00 43.17 ?  232 HOH A O   1 
HETATM 516 O  O   . HOH D 4 .  ? -7.128  -0.763  7.124   1.00 17.44 ?  233 HOH A O   1 
HETATM 517 O  O   . HOH D 4 .  ? 3.660   8.365   11.673  1.00 36.58 ?  234 HOH A O   1 
HETATM 518 O  O   . HOH D 4 .  ? 7.406   3.333   7.819   1.00 12.20 ?  235 HOH A O   1 
HETATM 519 O  O   . HOH D 4 .  ? -8.228  4.386   7.939   1.00 27.87 ?  236 HOH A O   1 
HETATM 520 O  O   . HOH D 4 .  ? 8.436   2.018   -5.065  1.00 28.32 ?  237 HOH A O   1 
HETATM 521 O  O   . HOH D 4 .  ? 7.512   2.305   10.891  1.00 17.97 ?  238 HOH A O   1 
HETATM 522 O  O   . HOH D 4 .  ? -4.526  13.237  -0.113  1.00 39.47 ?  239 HOH A O   1 
HETATM 523 O  O   . HOH D 4 .  ? -12.302 2.447   -3.563  1.00 36.63 ?  240 HOH A O   1 
HETATM 524 O  O   . HOH D 4 .  ? -8.669  3.040   9.953   1.00 32.51 ?  241 HOH A O   1 
HETATM 525 O  O   . HOH D 4 .  ? 1.286   -4.326  13.338  1.00 39.83 ?  242 HOH A O   1 
HETATM 526 O  O   . HOH D 4 .  ? 4.909   9.156   -0.432  1.00 41.78 ?  243 HOH A O   1 
HETATM 527 O  O   . HOH D 4 .  ? -11.148 2.028   6.592   1.00 38.32 ?  244 HOH A O   1 
HETATM 528 O  O   . HOH D 4 .  ? 1.901   -3.459  10.806  1.00 37.09 ?  245 HOH A O   1 
HETATM 529 O  O   . HOH D 4 .  ? -1.212  11.600  8.121   1.00 38.59 ?  246 HOH A O   1 
HETATM 530 O  O   . HOH D 4 .  ? 4.129   8.804   -2.187  1.00 47.94 ?  247 HOH A O   1 
HETATM 531 O  O   . HOH D 4 .  ? -6.585  3.007   12.237  1.00 40.10 ?  248 HOH A O   1 
HETATM 532 O  O   . HOH D 4 .  ? -9.058  9.884   6.145   1.00 35.07 ?  249 HOH A O   1 
HETATM 533 O  O   . HOH D 4 .  ? 7.089   -0.480  -10.842 1.00 29.58 ?  250 HOH A O   1 
HETATM 534 O  O   . HOH D 4 .  ? 12.239  3.702   0.544   1.00 37.88 ?  251 HOH A O   1 
HETATM 535 O  O   . HOH D 4 .  ? -11.820 5.325   0.450   1.00 31.44 ?  252 HOH A O   1 
HETATM 536 O  O   . HOH D 4 .  ? -14.711 -0.852  -2.693  1.00 39.43 ?  253 HOH A O   1 
HETATM 537 O  O   . HOH D 4 .  ? 7.252   1.262   -8.985  1.00 35.82 ?  254 HOH A O   1 
HETATM 538 O  O   . HOH D 4 .  ? 5.976   -9.515  5.897   1.00 34.17 ?  255 HOH A O   1 
HETATM 539 O  O   . HOH D 4 .  ? 0.646   10.954  8.947   1.00 39.76 ?  256 HOH A O   1 
HETATM 540 O  O   . HOH D 4 .  ? -13.303 6.353   5.776   1.00 46.30 ?  257 HOH A O   1 
HETATM 541 O  O   . HOH D 4 .  ? 11.425  6.276   1.654   1.00 35.83 ?  258 HOH A O   1 
HETATM 542 O  O   . HOH D 4 .  ? -13.595 -3.387  -2.190  1.00 30.73 ?  259 HOH A O   1 
HETATM 543 O  O   . HOH D 4 .  ? 8.365   -2.657  -11.759 1.00 38.89 ?  260 HOH A O   1 
HETATM 544 O  O   . HOH D 4 .  ? 11.985  -0.733  -2.445  1.00 34.37 ?  261 HOH A O   1 
HETATM 545 O  O   . HOH D 4 .  ? 11.366  6.884   3.754   1.00 36.68 ?  262 HOH A O   1 
HETATM 546 O  O   . HOH D 4 .  ? 9.176   0.308   11.156  1.00 22.27 ?  263 HOH A O   1 
HETATM 547 O  O   . HOH D 4 .  ? 9.994   -0.130  -10.458 1.00 35.55 ?  264 HOH A O   1 
HETATM 548 O  O   . HOH D 4 .  ? 7.849   6.087   7.358   1.00 20.72 ?  265 HOH A O   1 
HETATM 549 O  O   . HOH D 4 .  ? 5.756   -11.224 5.032   1.00 42.13 ?  266 HOH A O   1 
HETATM 550 O  O   . HOH D 4 .  ? -13.326 4.282   -3.639  1.00 45.73 ?  267 HOH A O   1 
HETATM 551 O  O   . HOH D 4 .  ? -13.844 3.417   0.431   1.00 44.89 ?  268 HOH A O   1 
HETATM 552 O  O   . HOH D 4 .  ? 3.898   -13.187 7.181   1.00 44.02 ?  269 HOH A O   1 
# 
